data_9GZ3
#
_entry.id   9GZ3
#
_cell.length_a   1.00
_cell.length_b   1.00
_cell.length_c   1.00
_cell.angle_alpha   90.00
_cell.angle_beta   90.00
_cell.angle_gamma   90.00
#
_symmetry.space_group_name_H-M   'P 1'
#
loop_
_entity.id
_entity.type
_entity.pdbx_description
1 polymer Myosin-7
2 non-polymer 'MAGNESIUM ION'
3 non-polymer "ADENOSINE-5'-DIPHOSPHATE"
4 non-polymer 'PHOSPHATE ION'
#
_entity_poly.entity_id   1
_entity_poly.type   'polypeptide(L)'
_entity_poly.pdbx_seq_one_letter_code
;GDSEMAVFGAAAPYLRKSEKERLEAQTRPFDLKKDVFVPDDKQEFVKAKIVSREGGKVTAETEYGKTVTVKEDQVMQQNP
PKFDKIEDMAMLTFLHEPAVLYNLKDRYGSWMIYTYSGLFCVTVNPYKWLPVYTPEVVAAYRGKKRSEAPPHIFSISDNA
YQYMLTDRENQSILITGESGAGKTVNTKRVIQYFAVIAAIGDRSKKDQSPGKGTLEDQIIQANPALEAFGNAKTVRNDNS
SRFGKFIRIHFGATGKLASADIETYLLEKSRVIFQLKAERDYHIFYQILSNKKPELLDMLLITNNPYDYAFISQGETTVA
SIDDAEELMATDNAFDVLGFTSEEKNSMYKLTGAIMHFGNMKFKLKQREEQAEPDGTEEADKSAYLMGLNSADLLKGLCH
PRVKVGNEYVTKGQNVQQVIYATGALAKAVYERMFNWMVTRINATLETKQPRQYFIGVLDIAGFEIFDFNSFEQLCINFT
NEKLQQFFNHHMFVLEQEEYKKEGIEWTFIDFGMDLQACIDLIEKPMGIMSILEEECMFPKATDMTFKAKLFDNHLGKSA
NFQKPRNIKGKPEAHFSLIHYAGIVDYNIIGWLQKNKDPLNETVVGLYQKSSLKLLSTLFANYAGADAPIEKGKGKAKKG
SSFQTVSALHRENLNKLMTNLRSTHPHFVRCIIPNETKSPGVMDNPLVMHQLRCNGVLEGIRICRKGFPNRILYGDFRQR
YRILNPAAIPEGQFIDSRKGAEKLLSSLDIDHNQYKFGHTKVFFKAGLLGLLEEMRDERLSRIITRIQAQSRGVLARMEY
KKLLERRDSLLVIQWNIRAFMGVKNWPWMKLYFKIKPLLKSAEREKEMASMKEEFTRLKEALEKSEARRKELEEKMVSLL
QEKNDLQLQVQAEQDNLADAEERCDQLIKNKIQLEAKVKEMNERLEDEEEMNAELTAKKRKLEDECSELKRDIDDLELTL
AKVEKEKHATENKVKNLTEEMAGLDEIIAKLTKEKKALQEAHQQALDDLQAEEDKVNTLTKAKVKLEQQVDDLEGSLEQE
KKVRMDLERAKRKLEGDLKLTQESIMDLENDKQQLDERLKKKDFELNALNARIEDEQALGSQLQKKLKELQARIEELEEE
LESERTARAKVEKLRSDDYKDDDDK
;
_entity_poly.pdbx_strand_id   A
#
# COMPACT_ATOMS: atom_id res chain seq x y z
N ASP A 2 -12.16 -15.24 28.80
CA ASP A 2 -11.71 -14.15 29.65
C ASP A 2 -12.82 -13.10 29.78
N SER A 3 -12.97 -12.56 31.00
CA SER A 3 -14.17 -11.81 31.35
C SER A 3 -14.21 -10.45 30.65
N GLU A 4 -13.13 -9.67 30.77
CA GLU A 4 -13.04 -8.39 30.09
C GLU A 4 -13.05 -8.57 28.57
N MET A 5 -12.40 -9.62 28.08
CA MET A 5 -12.26 -9.90 26.66
C MET A 5 -13.45 -10.67 26.07
N ALA A 6 -14.53 -10.85 26.84
CA ALA A 6 -15.67 -11.67 26.42
C ALA A 6 -16.34 -11.15 25.15
N VAL A 7 -16.29 -9.84 24.92
CA VAL A 7 -16.88 -9.24 23.72
C VAL A 7 -16.16 -9.68 22.45
N PHE A 8 -14.87 -10.01 22.53
CA PHE A 8 -14.12 -10.39 21.33
C PHE A 8 -14.13 -11.87 21.03
N GLY A 9 -14.77 -12.68 21.87
CA GLY A 9 -15.01 -14.10 21.61
C GLY A 9 -13.74 -14.92 21.44
N ALA A 10 -13.76 -15.80 20.43
CA ALA A 10 -12.66 -16.73 20.17
C ALA A 10 -11.38 -16.03 19.71
N ALA A 11 -11.47 -14.79 19.26
CA ALA A 11 -10.30 -14.01 18.87
C ALA A 11 -9.54 -13.41 20.04
N ALA A 12 -10.11 -13.44 21.24
CA ALA A 12 -9.51 -12.82 22.42
C ALA A 12 -8.07 -13.24 22.76
N PRO A 13 -7.63 -14.52 22.69
CA PRO A 13 -6.20 -14.80 22.91
C PRO A 13 -5.24 -14.17 21.91
N TYR A 14 -5.73 -13.64 20.79
CA TYR A 14 -4.90 -12.96 19.80
C TYR A 14 -5.14 -11.45 19.78
N LEU A 15 -5.84 -10.92 20.77
CA LEU A 15 -6.03 -9.49 20.91
C LEU A 15 -5.52 -8.92 22.23
N ARG A 16 -5.58 -9.67 23.32
CA ARG A 16 -4.82 -9.33 24.52
C ARG A 16 -4.25 -10.59 25.13
N LYS A 17 -3.11 -10.44 25.80
CA LYS A 17 -2.63 -11.46 26.73
C LYS A 17 -3.64 -11.70 27.85
N SER A 18 -3.67 -12.94 28.32
CA SER A 18 -4.69 -13.41 29.26
C SER A 18 -4.59 -12.68 30.60
N GLU A 19 -5.72 -12.68 31.33
CA GLU A 19 -5.79 -12.11 32.67
C GLU A 19 -4.82 -12.74 33.66
N LYS A 20 -4.33 -13.95 33.40
CA LYS A 20 -3.20 -14.46 34.16
C LYS A 20 -1.93 -13.70 33.85
N GLU A 21 -1.53 -13.66 32.57
CA GLU A 21 -0.26 -13.07 32.15
C GLU A 21 -0.19 -11.58 32.45
N ARG A 22 -1.31 -10.85 32.33
CA ARG A 22 -1.36 -9.42 32.66
C ARG A 22 -0.95 -9.14 34.10
N LEU A 23 -1.18 -10.10 35.01
CA LEU A 23 -0.72 -10.04 36.39
C LEU A 23 0.63 -10.71 36.55
N GLU A 24 0.82 -11.88 35.94
CA GLU A 24 2.03 -12.67 36.13
C GLU A 24 3.26 -11.94 35.60
N ALA A 25 3.10 -11.12 34.54
CA ALA A 25 4.23 -10.38 33.98
C ALA A 25 4.81 -9.35 34.96
N GLN A 26 3.99 -8.85 35.89
CA GLN A 26 4.49 -7.95 36.93
C GLN A 26 5.33 -8.67 37.98
N THR A 27 5.35 -9.99 37.98
CA THR A 27 6.14 -10.79 38.91
C THR A 27 7.54 -11.13 38.39
N ARG A 28 7.86 -10.77 37.15
CA ARG A 28 9.09 -11.19 36.48
C ARG A 28 10.35 -10.74 37.25
N PRO A 29 11.40 -11.56 37.28
CA PRO A 29 12.67 -11.13 37.85
C PRO A 29 13.36 -10.07 37.00
N PHE A 30 13.76 -8.97 37.64
CA PHE A 30 14.24 -7.82 36.89
C PHE A 30 15.12 -6.95 37.78
N ASP A 31 16.34 -6.66 37.31
CA ASP A 31 17.24 -5.72 37.95
C ASP A 31 17.44 -4.60 36.93
N LEU A 32 16.94 -3.41 37.27
CA LEU A 32 17.04 -2.25 36.37
C LEU A 32 18.48 -1.83 36.11
N LYS A 33 19.38 -2.04 37.06
CA LYS A 33 20.79 -1.74 36.85
C LYS A 33 21.47 -2.70 35.88
N LYS A 34 20.88 -3.86 35.62
CA LYS A 34 21.54 -4.90 34.83
C LYS A 34 20.89 -5.19 33.50
N ASP A 35 19.55 -5.18 33.41
CA ASP A 35 18.88 -5.56 32.17
C ASP A 35 19.02 -4.46 31.12
N VAL A 36 19.75 -4.78 30.05
CA VAL A 36 20.13 -3.86 28.99
C VAL A 36 20.06 -4.59 27.67
N PHE A 37 20.02 -3.84 26.58
CA PHE A 37 20.30 -4.35 25.24
C PHE A 37 21.72 -4.03 24.84
N VAL A 38 22.38 -4.98 24.18
CA VAL A 38 23.72 -4.77 23.62
C VAL A 38 23.69 -5.10 22.13
N PRO A 39 24.52 -4.45 21.30
CA PRO A 39 24.51 -4.77 19.88
C PRO A 39 25.17 -6.10 19.57
N ASP A 40 24.70 -6.76 18.52
CA ASP A 40 25.33 -7.98 18.03
C ASP A 40 25.16 -8.02 16.51
N ASP A 41 26.08 -8.72 15.83
CA ASP A 41 26.17 -8.66 14.37
C ASP A 41 25.17 -9.56 13.68
N LYS A 42 25.00 -10.80 14.15
CA LYS A 42 24.14 -11.75 13.46
C LYS A 42 22.67 -11.56 13.83
N GLN A 43 22.40 -10.71 14.81
CA GLN A 43 21.06 -10.44 15.33
C GLN A 43 21.19 -9.12 16.06
N GLU A 44 20.49 -8.09 15.56
CA GLU A 44 20.89 -6.68 15.73
C GLU A 44 21.05 -6.27 17.18
N PHE A 45 20.23 -6.81 18.09
CA PHE A 45 20.40 -6.54 19.51
C PHE A 45 20.04 -7.81 20.27
N VAL A 46 20.68 -7.98 21.43
CA VAL A 46 20.40 -9.10 22.32
C VAL A 46 20.20 -8.52 23.72
N LYS A 47 19.24 -9.07 24.47
CA LYS A 47 19.12 -8.76 25.89
C LYS A 47 20.37 -9.24 26.62
N ALA A 48 20.75 -8.49 27.66
CA ALA A 48 21.96 -8.85 28.40
C ALA A 48 21.85 -8.34 29.83
N LYS A 49 22.65 -8.95 30.70
CA LYS A 49 22.83 -8.49 32.06
C LYS A 49 24.24 -7.92 32.21
N ILE A 50 24.31 -6.68 32.70
CA ILE A 50 25.60 -6.05 33.01
C ILE A 50 26.33 -6.87 34.07
N VAL A 51 27.60 -7.18 33.79
CA VAL A 51 28.44 -7.92 34.72
C VAL A 51 29.36 -7.00 35.50
N SER A 52 29.92 -5.97 34.85
CA SER A 52 30.75 -5.00 35.55
C SER A 52 30.79 -3.70 34.75
N ARG A 53 31.19 -2.63 35.45
CA ARG A 53 31.54 -1.37 34.84
C ARG A 53 33.06 -1.23 34.82
N GLU A 54 33.62 -0.85 33.67
CA GLU A 54 35.06 -0.73 33.45
C GLU A 54 35.38 0.67 32.93
N GLY A 55 34.99 1.68 33.70
CA GLY A 55 35.05 3.07 33.28
C GLY A 55 34.11 3.40 32.14
N GLY A 56 34.64 3.93 31.04
CA GLY A 56 33.83 4.16 29.85
C GLY A 56 33.51 2.92 29.04
N LYS A 57 33.99 1.75 29.44
CA LYS A 57 33.58 0.49 28.85
C LYS A 57 32.68 -0.26 29.83
N VAL A 58 31.95 -1.25 29.31
CA VAL A 58 31.04 -2.07 30.10
C VAL A 58 31.24 -3.51 29.62
N THR A 59 31.09 -4.46 30.54
CA THR A 59 31.06 -5.88 30.21
C THR A 59 29.71 -6.45 30.63
N ALA A 60 29.25 -7.45 29.88
CA ALA A 60 27.91 -7.98 30.09
C ALA A 60 27.85 -9.45 29.70
N GLU A 61 26.85 -10.14 30.24
CA GLU A 61 26.49 -11.49 29.82
C GLU A 61 25.17 -11.43 29.06
N THR A 62 25.19 -11.91 27.82
CA THR A 62 24.01 -11.93 26.97
C THR A 62 23.03 -13.02 27.39
N GLU A 63 21.79 -12.88 26.89
CA GLU A 63 20.73 -13.87 27.11
C GLU A 63 21.10 -15.25 26.58
N TYR A 64 22.01 -15.34 25.60
CA TYR A 64 22.53 -16.63 25.15
C TYR A 64 23.83 -17.02 25.87
N GLY A 65 24.14 -16.34 26.98
CA GLY A 65 25.29 -16.66 27.80
C GLY A 65 26.63 -16.22 27.28
N LYS A 66 26.71 -15.64 26.08
CA LYS A 66 27.99 -15.17 25.55
C LYS A 66 28.42 -13.92 26.29
N THR A 67 29.69 -13.86 26.69
CA THR A 67 30.24 -12.64 27.25
C THR A 67 30.52 -11.62 26.14
N VAL A 68 30.22 -10.36 26.45
CA VAL A 68 30.34 -9.25 25.51
C VAL A 68 30.96 -8.06 26.26
N THR A 69 31.82 -7.31 25.58
CA THR A 69 32.31 -6.03 26.09
C THR A 69 31.99 -4.93 25.08
N VAL A 70 31.29 -3.89 25.54
CA VAL A 70 30.77 -2.83 24.68
C VAL A 70 30.93 -1.50 25.43
N LYS A 71 31.15 -0.43 24.67
CA LYS A 71 31.32 0.92 25.21
C LYS A 71 30.02 1.49 25.77
N GLU A 72 30.16 2.29 26.84
CA GLU A 72 29.06 2.72 27.69
C GLU A 72 28.07 3.65 26.99
N ASP A 73 28.47 4.34 25.92
CA ASP A 73 27.50 5.10 25.16
C ASP A 73 26.60 4.23 24.29
N GLN A 74 27.00 2.98 24.06
CA GLN A 74 26.28 2.07 23.18
C GLN A 74 25.34 1.14 23.92
N VAL A 75 25.68 0.74 25.15
CA VAL A 75 24.80 -0.08 25.97
C VAL A 75 23.62 0.75 26.49
N MET A 76 22.44 0.13 26.49
CA MET A 76 21.18 0.87 26.46
C MET A 76 20.09 0.05 27.15
N GLN A 77 19.38 0.70 28.08
CA GLN A 77 18.54 0.02 29.06
C GLN A 77 17.34 -0.70 28.43
N GLN A 78 16.97 -1.82 29.05
CA GLN A 78 15.69 -2.47 28.77
C GLN A 78 14.51 -1.64 29.26
N ASN A 79 13.40 -1.73 28.54
CA ASN A 79 12.09 -1.39 29.08
C ASN A 79 11.72 -2.34 30.22
N PRO A 80 11.27 -1.82 31.36
CA PRO A 80 10.98 -2.68 32.53
C PRO A 80 9.73 -3.52 32.32
N PRO A 81 9.60 -4.67 33.01
CA PRO A 81 8.70 -5.74 32.52
C PRO A 81 7.22 -5.43 32.54
N LYS A 82 6.76 -4.47 33.35
CA LYS A 82 5.38 -4.02 33.31
C LYS A 82 4.94 -3.50 31.94
N PHE A 83 5.88 -3.06 31.10
CA PHE A 83 5.59 -2.59 29.75
C PHE A 83 5.61 -3.69 28.68
N ASP A 84 5.84 -4.95 29.06
CA ASP A 84 5.84 -6.07 28.11
C ASP A 84 4.59 -6.10 27.24
N LYS A 85 4.80 -6.21 25.93
CA LYS A 85 3.75 -6.36 24.91
C LYS A 85 2.78 -5.17 24.85
N ILE A 86 3.24 -3.99 25.29
CA ILE A 86 2.43 -2.78 25.38
C ILE A 86 1.75 -2.45 24.05
N GLU A 87 0.49 -2.01 24.13
CA GLU A 87 -0.38 -1.85 22.98
C GLU A 87 -0.08 -0.59 22.19
N ASP A 88 0.48 0.44 22.82
CA ASP A 88 0.79 1.71 22.15
C ASP A 88 2.20 2.07 22.60
N MET A 89 3.18 1.82 21.73
CA MET A 89 4.59 1.84 22.09
C MET A 89 5.12 3.21 22.48
N ALA A 90 4.39 4.29 22.16
CA ALA A 90 4.76 5.63 22.62
C ALA A 90 4.91 5.73 24.14
N MET A 91 4.15 4.95 24.90
CA MET A 91 4.14 5.04 26.35
C MET A 91 5.28 4.27 27.02
N LEU A 92 6.23 3.74 26.26
CA LEU A 92 7.40 3.09 26.87
C LEU A 92 8.24 4.10 27.68
N THR A 93 8.85 3.58 28.74
CA THR A 93 9.78 4.40 29.53
C THR A 93 11.09 4.61 28.78
N PHE A 94 11.54 3.60 28.05
CA PHE A 94 12.68 3.75 27.18
C PHE A 94 12.24 3.48 25.75
N LEU A 95 12.55 4.42 24.86
CA LEU A 95 12.30 4.26 23.43
C LEU A 95 13.62 4.38 22.71
N HIS A 96 13.96 3.34 21.94
CA HIS A 96 15.20 3.23 21.19
C HIS A 96 15.02 2.07 20.21
N GLU A 97 16.04 1.83 19.36
CA GLU A 97 16.06 0.78 18.33
C GLU A 97 15.63 -0.61 18.84
N PRO A 98 16.27 -1.25 19.83
CA PRO A 98 15.80 -2.59 20.22
C PRO A 98 14.50 -2.59 20.99
N ALA A 99 14.12 -1.47 21.61
CA ALA A 99 12.88 -1.40 22.36
C ALA A 99 11.68 -1.66 21.46
N VAL A 100 11.62 -0.98 20.31
CA VAL A 100 10.53 -1.23 19.38
C VAL A 100 10.66 -2.60 18.73
N LEU A 101 11.89 -3.03 18.44
CA LEU A 101 12.13 -4.36 17.89
C LEU A 101 11.65 -5.47 18.82
N TYR A 102 12.14 -5.49 20.06
CA TYR A 102 11.79 -6.60 20.94
C TYR A 102 10.36 -6.52 21.44
N ASN A 103 9.74 -5.34 21.47
CA ASN A 103 8.32 -5.29 21.76
C ASN A 103 7.49 -5.86 20.62
N LEU A 104 7.86 -5.56 19.37
CA LEU A 104 7.18 -6.16 18.23
C LEU A 104 7.42 -7.66 18.15
N LYS A 105 8.63 -8.12 18.46
CA LYS A 105 8.88 -9.57 18.51
C LYS A 105 8.08 -10.24 19.60
N ASP A 106 7.89 -9.59 20.76
CA ASP A 106 7.14 -10.20 21.84
C ASP A 106 5.63 -10.21 21.60
N ARG A 107 5.09 -9.19 20.91
CA ARG A 107 3.71 -9.28 20.46
C ARG A 107 3.54 -10.32 19.37
N TYR A 108 4.44 -10.32 18.38
CA TYR A 108 4.41 -11.34 17.34
C TYR A 108 4.72 -12.73 17.88
N GLY A 109 5.47 -12.83 18.96
CA GLY A 109 5.74 -14.12 19.59
C GLY A 109 4.54 -14.81 20.21
N SER A 110 3.39 -14.14 20.31
CA SER A 110 2.13 -14.81 20.61
C SER A 110 1.06 -14.44 19.58
N TRP A 111 1.49 -14.12 18.36
CA TRP A 111 0.64 -13.76 17.22
C TRP A 111 -0.29 -12.57 17.48
N MET A 112 -0.04 -11.73 18.48
CA MET A 112 -0.63 -10.40 18.48
C MET A 112 0.11 -9.56 17.43
N ILE A 113 -0.50 -9.36 16.28
CA ILE A 113 0.23 -8.79 15.15
C ILE A 113 0.16 -7.26 15.08
N TYR A 114 -0.97 -6.62 15.36
CA TYR A 114 -1.06 -5.17 15.24
C TYR A 114 -0.50 -4.50 16.49
N THR A 115 0.16 -3.35 16.29
CA THR A 115 0.65 -2.55 17.40
C THR A 115 0.56 -1.09 17.00
N TYR A 116 0.22 -0.21 17.94
CA TYR A 116 0.30 1.21 17.62
C TYR A 116 1.70 1.75 17.84
N SER A 117 1.97 2.88 17.18
CA SER A 117 3.19 3.63 17.35
C SER A 117 2.83 5.11 17.45
N GLY A 118 2.02 5.45 18.45
CA GLY A 118 1.46 6.77 18.53
C GLY A 118 0.46 7.04 17.42
N LEU A 119 0.76 7.98 16.53
CA LEU A 119 -0.20 8.41 15.53
C LEU A 119 -0.39 7.44 14.37
N PHE A 120 0.25 6.28 14.38
CA PHE A 120 0.09 5.29 13.31
C PHE A 120 0.21 3.89 13.90
N CYS A 121 0.23 2.89 13.03
CA CYS A 121 0.25 1.50 13.44
C CYS A 121 1.33 0.72 12.71
N VAL A 122 1.81 -0.33 13.36
CA VAL A 122 2.77 -1.27 12.78
C VAL A 122 2.12 -2.65 12.70
N THR A 123 2.14 -3.24 11.51
CA THR A 123 1.50 -4.54 11.26
C THR A 123 2.53 -5.53 10.76
N VAL A 124 2.97 -6.43 11.65
CA VAL A 124 3.80 -7.54 11.22
C VAL A 124 2.92 -8.52 10.45
N ASN A 125 3.50 -9.27 9.51
CA ASN A 125 2.77 -10.22 8.70
C ASN A 125 2.83 -11.62 9.32
N PRO A 126 1.71 -12.18 9.77
CA PRO A 126 1.66 -13.62 10.04
C PRO A 126 1.31 -14.46 8.81
N TYR A 127 2.22 -15.33 8.36
CA TYR A 127 1.86 -16.26 7.29
C TYR A 127 0.95 -17.42 7.70
N LYS A 128 -0.09 -17.11 8.48
CA LYS A 128 -1.05 -18.03 9.05
C LYS A 128 -2.33 -17.25 9.24
N TRP A 129 -3.44 -17.76 8.70
CA TRP A 129 -4.72 -17.09 8.88
C TRP A 129 -5.17 -17.18 10.33
N LEU A 130 -5.74 -16.08 10.83
CA LEU A 130 -6.14 -15.98 12.22
C LEU A 130 -7.62 -15.67 12.33
N PRO A 131 -8.30 -16.15 13.37
CA PRO A 131 -9.73 -15.86 13.55
C PRO A 131 -10.06 -14.44 13.97
N VAL A 132 -9.07 -13.56 14.10
CA VAL A 132 -9.23 -12.17 14.52
C VAL A 132 -10.01 -11.29 13.54
N TYR A 133 -10.40 -11.84 12.38
CA TYR A 133 -11.19 -11.09 11.42
C TYR A 133 -12.63 -11.59 11.27
N THR A 134 -13.10 -12.45 12.18
CA THR A 134 -14.48 -12.92 12.13
C THR A 134 -15.47 -11.76 12.25
N PRO A 135 -16.66 -11.85 11.64
CA PRO A 135 -17.53 -10.67 11.50
C PRO A 135 -18.17 -10.19 12.80
N GLU A 136 -18.24 -11.02 13.83
CA GLU A 136 -18.70 -10.55 15.13
C GLU A 136 -17.70 -9.57 15.78
N VAL A 137 -16.41 -9.73 15.47
CA VAL A 137 -15.37 -8.84 16.01
C VAL A 137 -15.50 -7.43 15.42
N VAL A 138 -16.06 -7.31 14.21
CA VAL A 138 -16.42 -6.02 13.65
C VAL A 138 -17.46 -5.31 14.51
N ALA A 139 -18.45 -6.06 15.01
CA ALA A 139 -19.44 -5.47 15.90
C ALA A 139 -18.85 -5.12 17.25
N ALA A 140 -17.92 -5.95 17.75
CA ALA A 140 -17.22 -5.65 18.98
C ALA A 140 -16.35 -4.41 18.88
N TYR A 141 -15.76 -4.16 17.71
CA TYR A 141 -14.91 -2.98 17.52
C TYR A 141 -15.66 -1.68 17.30
N ARG A 142 -16.93 -1.74 16.89
CA ARG A 142 -17.71 -0.55 16.51
C ARG A 142 -17.72 0.53 17.58
N GLY A 143 -17.34 1.74 17.19
CA GLY A 143 -17.46 2.94 18.00
C GLY A 143 -16.51 3.06 19.16
N LYS A 144 -15.59 2.12 19.35
CA LYS A 144 -14.63 2.21 20.45
C LYS A 144 -13.48 3.14 20.10
N LYS A 145 -12.88 3.73 21.13
CA LYS A 145 -11.66 4.51 20.97
C LYS A 145 -10.44 3.61 20.91
N ARG A 146 -9.40 4.10 20.23
CA ARG A 146 -8.10 3.45 20.21
C ARG A 146 -7.47 3.26 21.59
N SER A 147 -7.86 4.06 22.59
CA SER A 147 -7.38 3.84 23.95
C SER A 147 -8.08 2.69 24.66
N GLU A 148 -9.25 2.28 24.20
CA GLU A 148 -10.02 1.23 24.87
C GLU A 148 -9.73 -0.16 24.32
N ALA A 149 -10.01 -0.35 23.04
CA ALA A 149 -9.85 -1.60 22.34
C ALA A 149 -8.38 -1.85 21.98
N PRO A 150 -7.96 -3.12 21.88
CA PRO A 150 -6.57 -3.41 21.51
C PRO A 150 -6.29 -3.08 20.06
N PRO A 151 -5.02 -2.91 19.66
CA PRO A 151 -4.71 -2.51 18.28
C PRO A 151 -5.12 -3.56 17.25
N HIS A 152 -5.78 -3.09 16.19
CA HIS A 152 -6.26 -3.95 15.12
C HIS A 152 -6.63 -3.04 13.97
N ILE A 153 -6.61 -3.59 12.76
CA ILE A 153 -6.98 -2.84 11.55
C ILE A 153 -8.41 -2.31 11.63
N PHE A 154 -9.32 -3.06 12.26
CA PHE A 154 -10.67 -2.56 12.49
C PHE A 154 -10.69 -1.30 13.36
N SER A 155 -9.76 -1.18 14.32
CA SER A 155 -9.71 -0.02 15.18
C SER A 155 -9.27 1.23 14.45
N ILE A 156 -8.39 1.09 13.46
CA ILE A 156 -7.86 2.25 12.74
C ILE A 156 -8.88 2.79 11.75
N SER A 157 -9.58 1.88 11.06
CA SER A 157 -10.73 2.26 10.25
C SER A 157 -11.81 2.94 11.10
N ASP A 158 -12.10 2.37 12.28
CA ASP A 158 -13.11 2.93 13.17
C ASP A 158 -12.71 4.30 13.69
N ASN A 159 -11.44 4.46 14.08
CA ASN A 159 -10.95 5.76 14.51
C ASN A 159 -10.99 6.78 13.39
N ALA A 160 -10.65 6.36 12.17
CA ALA A 160 -10.78 7.22 10.99
C ALA A 160 -12.24 7.59 10.75
N TYR A 161 -13.15 6.63 10.94
CA TYR A 161 -14.57 6.93 10.75
C TYR A 161 -15.09 7.91 11.80
N GLN A 162 -14.71 7.73 13.06
CA GLN A 162 -15.12 8.67 14.11
C GLN A 162 -14.53 10.05 13.92
N TYR A 163 -13.28 10.13 13.45
CA TYR A 163 -12.68 11.43 13.12
C TYR A 163 -13.40 12.11 11.98
N MET A 164 -13.86 11.34 10.98
CA MET A 164 -14.63 11.89 9.87
C MET A 164 -15.89 12.58 10.36
N LEU A 165 -16.67 11.89 11.20
CA LEU A 165 -17.91 12.46 11.73
C LEU A 165 -17.66 13.66 12.64
N THR A 166 -16.53 13.69 13.34
CA THR A 166 -16.29 14.75 14.31
C THR A 166 -15.74 16.02 13.66
N ASP A 167 -14.73 15.88 12.80
CA ASP A 167 -14.06 17.04 12.22
C ASP A 167 -14.58 17.41 10.84
N ARG A 168 -15.50 16.61 10.29
CA ARG A 168 -16.15 16.85 8.98
C ARG A 168 -15.14 16.97 7.85
N GLU A 169 -14.02 16.26 7.94
CA GLU A 169 -12.99 16.29 6.92
C GLU A 169 -12.76 14.90 6.35
N ASN A 170 -12.42 14.87 5.06
CA ASN A 170 -12.20 13.64 4.32
C ASN A 170 -11.03 12.87 4.92
N GLN A 171 -11.21 11.57 5.13
CA GLN A 171 -10.15 10.74 5.65
C GLN A 171 -9.41 10.04 4.53
N SER A 172 -8.18 9.63 4.81
CA SER A 172 -7.48 8.66 3.99
C SER A 172 -6.71 7.70 4.87
N ILE A 173 -6.74 6.42 4.51
CA ILE A 173 -5.98 5.40 5.21
C ILE A 173 -4.89 4.94 4.26
N LEU A 174 -3.63 5.20 4.62
CA LEU A 174 -2.51 5.00 3.72
C LEU A 174 -1.66 3.85 4.23
N ILE A 175 -1.74 2.72 3.54
CA ILE A 175 -1.13 1.47 3.98
C ILE A 175 0.13 1.26 3.16
N THR A 176 1.27 1.06 3.85
CA THR A 176 2.58 1.17 3.22
C THR A 176 3.51 0.07 3.73
N GLY A 177 4.39 -0.37 2.86
CA GLY A 177 5.30 -1.45 3.17
C GLY A 177 5.85 -2.06 1.90
N GLU A 178 6.74 -3.04 2.08
CA GLU A 178 7.30 -3.75 0.95
C GLU A 178 6.29 -4.68 0.29
N SER A 179 6.72 -5.28 -0.82
CA SER A 179 6.01 -6.39 -1.44
C SER A 179 6.00 -7.59 -0.51
N GLY A 180 4.82 -8.15 -0.26
CA GLY A 180 4.73 -9.26 0.67
C GLY A 180 4.46 -8.88 2.11
N ALA A 181 4.18 -7.62 2.39
CA ALA A 181 4.01 -7.17 3.77
C ALA A 181 2.57 -7.22 4.26
N GLY A 182 1.59 -7.09 3.39
CA GLY A 182 0.22 -7.17 3.87
C GLY A 182 -0.70 -6.03 3.50
N LYS A 183 -0.30 -5.23 2.52
CA LYS A 183 -1.06 -4.04 2.14
C LYS A 183 -2.41 -4.41 1.50
N THR A 184 -2.45 -5.48 0.71
CA THR A 184 -3.67 -5.85 0.02
C THR A 184 -4.74 -6.39 0.98
N VAL A 185 -4.39 -7.38 1.80
CA VAL A 185 -5.34 -7.92 2.78
C VAL A 185 -5.82 -6.87 3.77
N ASN A 186 -4.93 -6.02 4.28
CA ASN A 186 -5.34 -4.94 5.17
C ASN A 186 -6.27 -3.96 4.49
N THR A 187 -6.10 -3.73 3.19
CA THR A 187 -7.08 -2.95 2.44
C THR A 187 -8.42 -3.67 2.39
N LYS A 188 -8.38 -5.00 2.16
CA LYS A 188 -9.60 -5.80 2.15
C LYS A 188 -10.31 -5.81 3.50
N ARG A 189 -9.53 -5.89 4.59
CA ARG A 189 -10.11 -5.86 5.93
C ARG A 189 -10.76 -4.53 6.25
N VAL A 190 -10.16 -3.42 5.82
CA VAL A 190 -10.77 -2.10 5.96
C VAL A 190 -12.10 -2.05 5.21
N ILE A 191 -12.11 -2.51 3.96
CA ILE A 191 -13.34 -2.51 3.17
C ILE A 191 -14.36 -3.48 3.76
N GLN A 192 -13.87 -4.60 4.31
CA GLN A 192 -14.73 -5.55 5.03
C GLN A 192 -15.42 -4.90 6.23
N TYR A 193 -14.68 -4.12 7.02
CA TYR A 193 -15.26 -3.43 8.18
C TYR A 193 -16.41 -2.52 7.77
N PHE A 194 -16.16 -1.60 6.83
CA PHE A 194 -17.19 -0.65 6.41
C PHE A 194 -18.38 -1.34 5.76
N ALA A 195 -18.15 -2.45 5.07
CA ALA A 195 -19.25 -3.24 4.52
C ALA A 195 -20.13 -3.84 5.61
N VAL A 196 -19.52 -4.54 6.58
CA VAL A 196 -20.27 -5.22 7.63
C VAL A 196 -20.97 -4.23 8.56
N ILE A 197 -20.30 -3.12 8.91
CA ILE A 197 -20.95 -2.02 9.64
C ILE A 197 -22.18 -1.52 8.89
N ALA A 198 -22.04 -1.27 7.60
CA ALA A 198 -23.18 -0.81 6.81
C ALA A 198 -24.24 -1.88 6.63
N ALA A 199 -23.85 -3.16 6.63
CA ALA A 199 -24.82 -4.23 6.45
C ALA A 199 -25.64 -4.52 7.70
N ILE A 200 -25.09 -4.33 8.89
CA ILE A 200 -25.94 -4.36 10.09
C ILE A 200 -26.74 -3.06 10.23
N GLY A 201 -26.12 -1.91 9.93
CA GLY A 201 -26.75 -0.63 10.10
C GLY A 201 -26.35 0.08 11.38
N GLY A 213 -30.40 -2.92 0.10
CA GLY A 213 -29.48 -2.78 -1.02
C GLY A 213 -28.45 -3.89 -1.08
N THR A 214 -27.54 -3.79 -2.05
CA THR A 214 -26.49 -4.79 -2.23
C THR A 214 -25.12 -4.15 -2.46
N LEU A 215 -25.02 -2.82 -2.36
CA LEU A 215 -23.75 -2.10 -2.52
C LEU A 215 -22.69 -2.61 -1.54
N GLU A 216 -23.10 -2.91 -0.30
CA GLU A 216 -22.19 -3.39 0.74
C GLU A 216 -21.45 -4.65 0.33
N ASP A 217 -22.08 -5.49 -0.48
CA ASP A 217 -21.43 -6.68 -1.02
C ASP A 217 -20.65 -6.39 -2.29
N GLN A 218 -21.19 -5.53 -3.18
CA GLN A 218 -20.51 -5.18 -4.42
C GLN A 218 -19.13 -4.57 -4.17
N ILE A 219 -18.98 -3.75 -3.13
CA ILE A 219 -17.68 -3.19 -2.80
C ILE A 219 -16.75 -4.25 -2.20
N ILE A 220 -17.27 -5.34 -1.66
CA ILE A 220 -16.41 -6.47 -1.33
C ILE A 220 -16.01 -7.21 -2.59
N GLN A 221 -17.00 -7.55 -3.42
CA GLN A 221 -16.76 -8.34 -4.62
C GLN A 221 -16.02 -7.58 -5.72
N ALA A 222 -16.01 -6.24 -5.67
CA ALA A 222 -15.15 -5.46 -6.57
C ALA A 222 -13.67 -5.76 -6.45
N ASN A 223 -13.20 -6.28 -5.31
CA ASN A 223 -11.80 -6.70 -5.24
C ASN A 223 -11.50 -7.97 -6.03
N PRO A 224 -12.09 -9.15 -5.74
CA PRO A 224 -11.66 -10.39 -6.44
C PRO A 224 -11.81 -10.38 -7.96
N ALA A 225 -12.69 -9.55 -8.50
CA ALA A 225 -12.69 -9.28 -9.94
C ALA A 225 -11.34 -8.75 -10.41
N LEU A 226 -10.84 -7.70 -9.76
CA LEU A 226 -9.56 -7.11 -10.16
C LEU A 226 -8.38 -8.01 -9.81
N GLU A 227 -8.45 -8.72 -8.68
CA GLU A 227 -7.35 -9.60 -8.26
C GLU A 227 -7.07 -10.72 -9.26
N ALA A 228 -8.07 -11.12 -10.05
CA ALA A 228 -7.84 -12.10 -11.10
C ALA A 228 -6.95 -11.53 -12.19
N PHE A 229 -7.26 -10.32 -12.64
CA PHE A 229 -6.57 -9.71 -13.77
C PHE A 229 -5.36 -8.88 -13.38
N GLY A 230 -5.29 -8.42 -12.14
CA GLY A 230 -4.24 -7.51 -11.76
C GLY A 230 -3.14 -8.07 -10.89
N ASN A 231 -3.30 -9.28 -10.35
CA ASN A 231 -2.29 -9.86 -9.49
C ASN A 231 -1.61 -11.04 -10.17
N ALA A 232 -0.34 -11.23 -9.87
CA ALA A 232 0.41 -12.34 -10.41
C ALA A 232 1.45 -12.80 -9.40
N LYS A 233 1.70 -14.10 -9.37
CA LYS A 233 2.74 -14.65 -8.52
C LYS A 233 4.12 -14.13 -8.91
N THR A 234 4.79 -13.49 -7.96
CA THR A 234 6.20 -13.15 -8.09
C THR A 234 6.91 -13.74 -6.88
N VAL A 235 8.24 -13.84 -6.98
CA VAL A 235 9.06 -14.50 -5.97
C VAL A 235 8.91 -13.89 -4.58
N ARG A 236 8.64 -12.58 -4.50
CA ARG A 236 8.43 -11.94 -3.22
C ARG A 236 7.06 -12.24 -2.62
N ASN A 237 6.03 -12.44 -3.44
CA ASN A 237 4.70 -12.72 -2.92
C ASN A 237 3.88 -13.45 -3.97
N ASP A 238 3.31 -14.59 -3.59
CA ASP A 238 2.45 -15.40 -4.44
C ASP A 238 1.20 -14.70 -4.95
N ASN A 239 0.76 -13.61 -4.31
CA ASN A 239 -0.41 -12.87 -4.75
C ASN A 239 -0.08 -11.40 -4.95
N SER A 240 1.18 -11.11 -5.31
CA SER A 240 1.67 -9.74 -5.49
C SER A 240 0.80 -8.95 -6.46
N SER A 241 0.33 -7.79 -5.97
CA SER A 241 -0.69 -7.00 -6.66
C SER A 241 -0.05 -5.93 -7.53
N ARG A 242 0.17 -6.26 -8.81
CA ARG A 242 0.96 -5.47 -9.75
C ARG A 242 0.33 -4.15 -10.18
N PHE A 243 -0.60 -3.61 -9.40
CA PHE A 243 -1.19 -2.30 -9.68
C PHE A 243 -1.46 -1.57 -8.38
N GLY A 244 -1.22 -0.26 -8.39
CA GLY A 244 -1.51 0.57 -7.23
C GLY A 244 -2.96 1.01 -7.22
N LYS A 245 -3.64 0.79 -6.11
CA LYS A 245 -5.09 0.94 -6.02
C LYS A 245 -5.44 1.95 -4.94
N PHE A 246 -6.35 2.87 -5.26
CA PHE A 246 -6.86 3.87 -4.32
C PHE A 246 -8.38 3.76 -4.33
N ILE A 247 -8.96 3.27 -3.24
CA ILE A 247 -10.39 3.05 -3.13
C ILE A 247 -11.00 4.21 -2.36
N ARG A 248 -11.79 5.04 -3.02
CA ARG A 248 -12.55 6.07 -2.33
C ARG A 248 -13.91 5.51 -1.95
N ILE A 249 -14.11 5.25 -0.66
CA ILE A 249 -15.43 4.95 -0.13
C ILE A 249 -16.12 6.27 0.20
N HIS A 250 -17.35 6.44 -0.26
CA HIS A 250 -18.08 7.67 0.00
C HIS A 250 -19.17 7.46 1.02
N PHE A 251 -19.32 8.42 1.93
CA PHE A 251 -20.31 8.37 2.99
C PHE A 251 -21.19 9.62 2.97
N GLY A 252 -22.46 9.42 3.28
CA GLY A 252 -23.42 10.51 3.37
C GLY A 252 -23.27 11.26 4.68
N ALA A 253 -24.01 12.36 4.77
CA ALA A 253 -23.96 13.24 5.94
C ALA A 253 -24.38 12.50 7.22
N THR A 254 -25.33 11.56 7.10
CA THR A 254 -25.72 10.73 8.24
C THR A 254 -24.63 9.72 8.62
N GLY A 255 -23.64 9.50 7.75
CA GLY A 255 -22.59 8.53 8.03
C GLY A 255 -22.79 7.17 7.42
N LYS A 256 -23.90 6.93 6.73
CA LYS A 256 -24.14 5.66 6.08
C LYS A 256 -23.30 5.53 4.82
N LEU A 257 -23.09 4.27 4.41
CA LEU A 257 -22.38 3.97 3.16
C LEU A 257 -23.18 4.45 1.94
N ALA A 258 -22.57 5.30 1.13
CA ALA A 258 -23.27 5.92 0.00
C ALA A 258 -22.87 5.31 -1.35
N SER A 259 -21.58 5.32 -1.68
CA SER A 259 -21.09 4.84 -2.96
C SER A 259 -19.59 4.60 -2.84
N ALA A 260 -18.97 4.12 -3.92
CA ALA A 260 -17.52 3.97 -3.94
C ALA A 260 -16.97 4.15 -5.34
N ASP A 261 -15.71 4.57 -5.43
CA ASP A 261 -14.96 4.70 -6.68
C ASP A 261 -13.63 3.98 -6.52
N ILE A 262 -13.21 3.28 -7.58
CA ILE A 262 -11.89 2.67 -7.67
C ILE A 262 -11.05 3.50 -8.64
N GLU A 263 -9.79 3.77 -8.26
CA GLU A 263 -8.77 4.20 -9.21
C GLU A 263 -7.57 3.27 -9.15
N THR A 264 -6.97 3.02 -10.32
CA THR A 264 -5.88 2.06 -10.47
C THR A 264 -4.81 2.70 -11.35
N TYR A 265 -3.65 3.00 -10.77
CA TYR A 265 -2.77 4.01 -11.35
C TYR A 265 -1.82 3.48 -12.42
N LEU A 266 -1.23 2.31 -12.25
CA LEU A 266 -0.38 1.77 -13.29
C LEU A 266 -0.49 0.26 -13.28
N LEU A 267 -0.35 -0.38 -14.44
CA LEU A 267 -0.34 -1.82 -14.54
C LEU A 267 0.96 -2.27 -15.18
N GLU A 268 1.53 -3.37 -14.68
CA GLU A 268 2.74 -3.97 -15.24
C GLU A 268 2.42 -4.71 -16.54
N LYS A 269 2.00 -3.98 -17.56
CA LYS A 269 1.44 -4.54 -18.80
C LYS A 269 2.42 -5.41 -19.56
N SER A 270 3.73 -5.29 -19.33
CA SER A 270 4.69 -6.17 -19.96
C SER A 270 4.70 -7.58 -19.38
N ARG A 271 4.12 -7.82 -18.20
CA ARG A 271 4.06 -9.16 -17.64
C ARG A 271 3.18 -10.10 -18.47
N VAL A 272 2.23 -9.57 -19.25
CA VAL A 272 1.38 -10.34 -20.16
C VAL A 272 2.17 -11.15 -21.20
N ILE A 273 3.41 -10.77 -21.49
CA ILE A 273 4.18 -11.40 -22.56
C ILE A 273 5.57 -11.78 -22.08
N PHE A 274 5.97 -11.32 -20.90
CA PHE A 274 7.32 -11.57 -20.44
C PHE A 274 7.27 -11.88 -18.94
N GLN A 275 7.88 -12.99 -18.57
CA GLN A 275 7.94 -13.43 -17.18
C GLN A 275 9.35 -13.92 -16.91
N LEU A 276 9.87 -13.57 -15.74
CA LEU A 276 11.10 -14.17 -15.28
C LEU A 276 10.81 -15.57 -14.73
N LYS A 277 11.87 -16.37 -14.62
CA LYS A 277 11.81 -17.58 -13.81
C LYS A 277 11.38 -17.26 -12.38
N ALA A 278 10.64 -18.20 -11.76
CA ALA A 278 9.96 -18.15 -10.46
C ALA A 278 8.70 -17.29 -10.46
N GLU A 279 8.17 -16.91 -11.61
CA GLU A 279 7.03 -16.00 -11.66
C GLU A 279 5.95 -16.55 -12.58
N ARG A 280 4.73 -16.07 -12.37
CA ARG A 280 3.58 -16.34 -13.21
C ARG A 280 3.22 -15.12 -14.04
N ASP A 281 2.38 -15.34 -15.05
CA ASP A 281 1.49 -14.33 -15.60
C ASP A 281 0.39 -13.98 -14.60
N TYR A 282 -0.49 -13.07 -15.01
CA TYR A 282 -1.69 -12.74 -14.24
C TYR A 282 -2.58 -13.97 -14.05
N HIS A 283 -3.27 -14.01 -12.91
CA HIS A 283 -4.00 -15.20 -12.47
C HIS A 283 -5.10 -15.64 -13.44
N ILE A 284 -5.75 -14.69 -14.14
CA ILE A 284 -6.87 -15.03 -15.04
C ILE A 284 -6.45 -16.05 -16.10
N PHE A 285 -5.21 -15.94 -16.61
CA PHE A 285 -4.72 -16.88 -17.62
C PHE A 285 -4.65 -18.30 -17.09
N TYR A 286 -4.15 -18.49 -15.87
CA TYR A 286 -3.99 -19.83 -15.33
C TYR A 286 -5.25 -20.42 -14.73
N GLN A 287 -6.17 -19.60 -14.22
CA GLN A 287 -7.40 -20.16 -13.69
C GLN A 287 -8.43 -20.47 -14.76
N ILE A 288 -8.34 -19.87 -15.95
CA ILE A 288 -9.09 -20.37 -17.09
C ILE A 288 -8.71 -21.80 -17.42
N LEU A 289 -7.41 -22.10 -17.40
CA LEU A 289 -6.94 -23.45 -17.72
C LEU A 289 -7.26 -24.45 -16.63
N SER A 290 -6.89 -24.14 -15.38
CA SER A 290 -6.72 -25.19 -14.37
C SER A 290 -8.04 -25.79 -13.89
N ASN A 291 -9.15 -25.05 -14.00
CA ASN A 291 -10.45 -25.63 -13.66
C ASN A 291 -10.94 -26.65 -14.69
N LYS A 292 -10.28 -26.73 -15.86
CA LYS A 292 -10.66 -27.57 -17.01
C LYS A 292 -12.05 -27.25 -17.55
N LYS A 293 -12.61 -26.08 -17.21
CA LYS A 293 -14.02 -25.71 -17.37
C LYS A 293 -14.44 -25.75 -18.83
N PRO A 294 -15.28 -26.72 -19.21
CA PRO A 294 -15.66 -26.84 -20.63
C PRO A 294 -16.50 -25.70 -21.17
N GLU A 295 -17.29 -25.03 -20.33
CA GLU A 295 -18.03 -23.85 -20.74
C GLU A 295 -17.15 -22.69 -21.21
N LEU A 296 -15.87 -22.67 -20.84
CA LEU A 296 -14.92 -21.75 -21.45
C LEU A 296 -14.16 -22.41 -22.61
N LEU A 297 -13.52 -23.55 -22.34
CA LEU A 297 -12.52 -24.13 -23.22
C LEU A 297 -13.10 -24.81 -24.44
N ASP A 298 -14.42 -24.82 -24.61
CA ASP A 298 -15.03 -25.08 -25.91
C ASP A 298 -15.41 -23.79 -26.63
N MET A 299 -15.65 -22.71 -25.90
CA MET A 299 -15.97 -21.43 -26.52
C MET A 299 -14.69 -20.77 -27.01
N LEU A 300 -13.68 -20.73 -26.15
CA LEU A 300 -12.33 -20.41 -26.55
C LEU A 300 -11.71 -21.66 -27.15
N LEU A 301 -11.00 -21.52 -28.26
CA LEU A 301 -10.39 -22.68 -28.91
C LEU A 301 -9.08 -23.11 -28.25
N ILE A 302 -9.06 -23.16 -26.92
CA ILE A 302 -7.88 -23.45 -26.14
C ILE A 302 -7.71 -24.98 -26.04
N THR A 303 -6.48 -25.42 -25.73
CA THR A 303 -6.24 -26.75 -25.19
C THR A 303 -5.67 -26.62 -23.78
N ASN A 304 -5.97 -27.59 -22.93
CA ASN A 304 -5.87 -27.47 -21.47
C ASN A 304 -4.43 -27.46 -20.95
N ASN A 305 -3.39 -27.31 -21.78
CA ASN A 305 -2.01 -27.37 -21.33
C ASN A 305 -1.43 -25.97 -21.47
N PRO A 306 -0.92 -25.37 -20.39
CA PRO A 306 -0.34 -24.03 -20.50
C PRO A 306 0.96 -23.99 -21.28
N TYR A 307 1.68 -25.10 -21.37
CA TYR A 307 3.07 -25.06 -21.79
C TYR A 307 3.26 -24.82 -23.29
N ASP A 308 2.21 -24.89 -24.10
CA ASP A 308 2.34 -24.55 -25.51
C ASP A 308 1.94 -23.12 -25.85
N TYR A 309 1.51 -22.32 -24.87
CA TYR A 309 1.27 -20.90 -25.06
C TYR A 309 2.51 -20.10 -24.70
N ALA A 310 3.16 -19.50 -25.70
CA ALA A 310 4.47 -18.90 -25.53
C ALA A 310 4.46 -17.69 -24.60
N PHE A 311 3.31 -17.00 -24.49
CA PHE A 311 3.21 -15.87 -23.58
C PHE A 311 3.08 -16.30 -22.13
N ILE A 312 2.66 -17.54 -21.90
CA ILE A 312 2.26 -18.00 -20.58
C ILE A 312 3.16 -19.12 -20.05
N SER A 313 3.82 -19.88 -20.93
CA SER A 313 4.54 -21.08 -20.52
C SER A 313 5.83 -20.77 -19.77
N GLN A 314 6.54 -19.72 -20.16
CA GLN A 314 7.81 -19.38 -19.51
C GLN A 314 7.61 -18.95 -18.07
N GLY A 315 8.66 -19.13 -17.27
CA GLY A 315 8.55 -19.01 -15.83
C GLY A 315 7.91 -20.25 -15.20
N GLU A 316 7.00 -20.04 -14.27
CA GLU A 316 6.31 -21.13 -13.57
C GLU A 316 4.82 -21.02 -13.81
N THR A 317 4.20 -22.10 -14.28
CA THR A 317 2.77 -22.10 -14.52
C THR A 317 1.93 -22.41 -13.28
N THR A 318 2.50 -23.01 -12.23
CA THR A 318 1.67 -23.47 -11.13
C THR A 318 2.45 -23.40 -9.82
N VAL A 319 1.70 -23.31 -8.72
CA VAL A 319 2.22 -23.08 -7.39
C VAL A 319 1.39 -23.88 -6.39
N ALA A 320 2.03 -24.24 -5.27
CA ALA A 320 1.34 -24.98 -4.22
C ALA A 320 0.30 -24.15 -3.48
N SER A 321 0.43 -22.82 -3.49
CA SER A 321 -0.40 -21.98 -2.63
C SER A 321 -1.81 -21.79 -3.15
N ILE A 322 -2.01 -21.80 -4.47
CA ILE A 322 -3.24 -21.30 -5.08
C ILE A 322 -3.99 -22.45 -5.72
N ASP A 323 -5.26 -22.60 -5.34
CA ASP A 323 -6.18 -23.56 -5.96
C ASP A 323 -7.04 -22.84 -6.99
N ASP A 324 -6.45 -22.64 -8.17
CA ASP A 324 -7.07 -21.92 -9.29
C ASP A 324 -8.46 -22.44 -9.66
N ALA A 325 -8.71 -23.75 -9.50
CA ALA A 325 -9.98 -24.35 -9.87
C ALA A 325 -11.14 -23.78 -9.07
N GLU A 326 -10.91 -23.37 -7.82
CA GLU A 326 -11.92 -22.68 -7.05
C GLU A 326 -11.86 -21.16 -7.25
N GLU A 327 -10.66 -20.62 -7.48
CA GLU A 327 -10.52 -19.18 -7.70
C GLU A 327 -11.21 -18.71 -8.97
N LEU A 328 -11.26 -19.56 -10.01
CA LEU A 328 -12.00 -19.22 -11.23
C LEU A 328 -13.47 -18.99 -10.94
N MET A 329 -14.10 -19.95 -10.24
CA MET A 329 -15.52 -19.84 -9.87
C MET A 329 -15.77 -18.59 -9.03
N ALA A 330 -14.85 -18.28 -8.12
CA ALA A 330 -14.95 -17.08 -7.28
C ALA A 330 -14.95 -15.80 -8.10
N THR A 331 -14.10 -15.72 -9.13
CA THR A 331 -14.05 -14.51 -9.92
C THR A 331 -15.12 -14.47 -11.01
N ASP A 332 -15.52 -15.64 -11.51
CA ASP A 332 -16.68 -15.71 -12.39
C ASP A 332 -17.95 -15.27 -11.66
N ASN A 333 -18.09 -15.64 -10.39
CA ASN A 333 -19.17 -15.12 -9.56
C ASN A 333 -18.99 -13.65 -9.23
N ALA A 334 -17.74 -13.19 -9.06
CA ALA A 334 -17.48 -11.79 -8.72
C ALA A 334 -17.96 -10.83 -9.81
N PHE A 335 -17.75 -11.19 -11.08
CA PHE A 335 -18.33 -10.42 -12.16
C PHE A 335 -19.86 -10.47 -12.20
N ASP A 336 -20.46 -11.60 -11.79
CA ASP A 336 -21.91 -11.67 -11.67
C ASP A 336 -22.44 -10.68 -10.63
N VAL A 337 -21.79 -10.60 -9.45
CA VAL A 337 -22.28 -9.75 -8.38
C VAL A 337 -22.12 -8.27 -8.76
N LEU A 338 -21.02 -7.94 -9.43
CA LEU A 338 -20.85 -6.59 -9.99
C LEU A 338 -21.77 -6.30 -11.16
N GLY A 339 -22.44 -7.31 -11.70
CA GLY A 339 -23.46 -7.09 -12.71
C GLY A 339 -22.99 -7.14 -14.14
N PHE A 340 -21.87 -7.80 -14.41
CA PHE A 340 -21.41 -7.98 -15.78
C PHE A 340 -22.36 -8.92 -16.51
N THR A 341 -22.94 -8.45 -17.62
CA THR A 341 -23.85 -9.26 -18.40
C THR A 341 -23.09 -10.42 -19.05
N SER A 342 -23.83 -11.50 -19.34
CA SER A 342 -23.21 -12.78 -19.70
C SER A 342 -22.42 -12.70 -21.00
N GLU A 343 -22.91 -11.95 -21.98
CA GLU A 343 -22.15 -11.78 -23.22
C GLU A 343 -20.90 -10.94 -22.98
N GLU A 344 -20.97 -9.98 -22.06
CA GLU A 344 -19.84 -9.10 -21.76
C GLU A 344 -18.79 -9.83 -20.94
N LYS A 345 -19.24 -10.67 -20.01
CA LYS A 345 -18.36 -11.52 -19.24
C LYS A 345 -17.68 -12.56 -20.11
N ASN A 346 -18.43 -13.19 -21.02
CA ASN A 346 -17.83 -14.10 -22.00
C ASN A 346 -16.84 -13.40 -22.90
N SER A 347 -17.16 -12.15 -23.31
CA SER A 347 -16.32 -11.40 -24.24
C SER A 347 -14.92 -11.12 -23.69
N MET A 348 -14.80 -10.81 -22.41
CA MET A 348 -13.46 -10.54 -21.89
C MET A 348 -12.65 -11.81 -21.65
N TYR A 349 -13.30 -12.96 -21.50
CA TYR A 349 -12.57 -14.23 -21.65
C TYR A 349 -12.08 -14.45 -23.07
N LYS A 350 -12.82 -13.98 -24.08
CA LYS A 350 -12.40 -14.14 -25.48
C LYS A 350 -11.09 -13.41 -25.76
N LEU A 351 -10.95 -12.16 -25.31
CA LEU A 351 -9.70 -11.44 -25.50
C LEU A 351 -8.57 -12.06 -24.67
N THR A 352 -8.87 -12.44 -23.42
CA THR A 352 -7.91 -13.16 -22.59
C THR A 352 -7.63 -14.56 -23.14
N GLY A 353 -8.49 -15.07 -24.02
CA GLY A 353 -8.20 -16.26 -24.79
C GLY A 353 -7.34 -15.98 -26.01
N ALA A 354 -7.70 -14.93 -26.75
CA ALA A 354 -6.97 -14.53 -27.95
C ALA A 354 -5.50 -14.24 -27.68
N ILE A 355 -5.21 -13.57 -26.55
CA ILE A 355 -3.84 -13.25 -26.14
C ILE A 355 -2.97 -14.50 -25.97
N MET A 356 -3.57 -15.62 -25.55
CA MET A 356 -2.82 -16.87 -25.45
C MET A 356 -2.43 -17.40 -26.82
N HIS A 357 -3.34 -17.30 -27.80
CA HIS A 357 -3.02 -17.70 -29.16
C HIS A 357 -2.05 -16.75 -29.81
N PHE A 358 -2.14 -15.46 -29.47
CA PHE A 358 -1.53 -14.39 -30.25
C PHE A 358 -0.01 -14.46 -30.22
N GLY A 359 0.55 -14.99 -29.14
CA GLY A 359 1.98 -15.24 -29.07
C GLY A 359 2.45 -16.48 -29.80
N ASN A 360 1.55 -17.40 -30.12
CA ASN A 360 1.94 -18.61 -30.82
C ASN A 360 2.05 -18.42 -32.32
N MET A 361 1.58 -17.30 -32.86
CA MET A 361 1.70 -17.00 -34.28
C MET A 361 3.15 -17.01 -34.74
N LYS A 362 3.44 -17.81 -35.77
CA LYS A 362 4.79 -17.97 -36.28
C LYS A 362 4.96 -17.13 -37.53
N PHE A 363 6.13 -16.51 -37.67
CA PHE A 363 6.44 -15.70 -38.85
C PHE A 363 7.82 -16.08 -39.37
N LYS A 364 7.97 -16.04 -40.69
CA LYS A 364 9.24 -16.38 -41.33
C LYS A 364 9.61 -15.34 -42.38
N LEU A 365 10.92 -15.10 -42.49
CA LEU A 365 11.45 -14.25 -43.55
C LEU A 365 11.32 -14.92 -44.91
N LYS A 366 10.83 -14.17 -45.89
CA LYS A 366 11.04 -14.57 -47.27
C LYS A 366 12.52 -14.49 -47.61
N GLN A 367 13.00 -15.50 -48.36
CA GLN A 367 14.40 -15.91 -48.30
C GLN A 367 15.36 -14.87 -48.87
N ARG A 368 14.93 -14.06 -49.83
CA ARG A 368 15.76 -12.99 -50.36
C ARG A 368 15.24 -11.60 -50.07
N GLU A 369 13.97 -11.47 -49.68
CA GLU A 369 13.28 -10.20 -49.63
C GLU A 369 13.42 -9.47 -48.29
N GLU A 370 13.95 -10.15 -47.26
CA GLU A 370 14.21 -9.60 -45.92
C GLU A 370 12.93 -9.03 -45.29
N GLN A 371 11.80 -9.64 -45.58
CA GLN A 371 10.51 -9.22 -45.07
C GLN A 371 9.77 -10.46 -44.58
N ALA A 372 8.98 -10.30 -43.53
CA ALA A 372 8.40 -11.41 -42.81
C ALA A 372 6.95 -11.61 -43.23
N GLU A 373 6.55 -12.88 -43.34
CA GLU A 373 5.19 -13.26 -43.68
C GLU A 373 4.82 -14.45 -42.81
N PRO A 374 3.52 -14.75 -42.66
CA PRO A 374 3.12 -15.78 -41.68
C PRO A 374 3.53 -17.20 -42.08
N ASP A 375 4.28 -17.85 -41.18
CA ASP A 375 4.73 -19.23 -41.37
C ASP A 375 3.53 -20.17 -41.51
N GLY A 376 2.50 -19.95 -40.71
CA GLY A 376 1.27 -20.72 -40.82
C GLY A 376 0.10 -19.78 -40.76
N THR A 377 -1.11 -20.27 -40.54
CA THR A 377 -2.23 -19.35 -40.36
C THR A 377 -3.17 -19.69 -39.21
N GLU A 378 -3.18 -20.95 -38.72
CA GLU A 378 -4.27 -21.45 -37.88
C GLU A 378 -4.38 -20.72 -36.55
N GLU A 379 -3.25 -20.37 -35.93
CA GLU A 379 -3.29 -19.59 -34.69
C GLU A 379 -3.74 -18.15 -34.92
N ALA A 380 -3.41 -17.56 -36.07
CA ALA A 380 -4.01 -16.29 -36.44
C ALA A 380 -5.50 -16.44 -36.69
N ASP A 381 -5.91 -17.56 -37.32
CA ASP A 381 -7.33 -17.81 -37.60
C ASP A 381 -8.16 -17.96 -36.33
N LYS A 382 -7.61 -18.60 -35.31
CA LYS A 382 -8.27 -18.64 -34.01
C LYS A 382 -8.43 -17.25 -33.40
N SER A 383 -7.34 -16.48 -33.34
CA SER A 383 -7.35 -15.14 -32.76
C SER A 383 -8.33 -14.21 -33.47
N ALA A 384 -8.30 -14.21 -34.81
CA ALA A 384 -9.20 -13.35 -35.57
C ALA A 384 -10.67 -13.71 -35.39
N TYR A 385 -10.97 -14.98 -35.12
CA TYR A 385 -12.35 -15.34 -34.80
C TYR A 385 -12.77 -14.79 -33.45
N LEU A 386 -11.90 -14.92 -32.43
CA LEU A 386 -12.23 -14.43 -31.10
C LEU A 386 -12.30 -12.90 -31.06
N MET A 387 -11.32 -12.24 -31.68
CA MET A 387 -11.32 -10.79 -31.76
C MET A 387 -12.26 -10.24 -32.80
N GLY A 388 -12.92 -11.09 -33.59
CA GLY A 388 -13.83 -10.65 -34.63
C GLY A 388 -13.16 -9.88 -35.75
N LEU A 389 -12.20 -10.52 -36.43
CA LEU A 389 -11.40 -9.88 -37.45
C LEU A 389 -11.36 -10.75 -38.70
N ASN A 390 -11.00 -10.11 -39.81
CA ASN A 390 -10.61 -10.82 -41.02
C ASN A 390 -9.16 -11.27 -40.90
N SER A 391 -8.95 -12.60 -40.90
CA SER A 391 -7.61 -13.17 -40.78
C SER A 391 -6.68 -12.70 -41.90
N ALA A 392 -7.21 -12.55 -43.11
CA ALA A 392 -6.39 -12.09 -44.23
C ALA A 392 -5.95 -10.64 -44.06
N ASP A 393 -6.82 -9.78 -43.52
CA ASP A 393 -6.45 -8.40 -43.25
C ASP A 393 -5.58 -8.25 -42.01
N LEU A 394 -5.76 -9.12 -41.00
CA LEU A 394 -4.94 -9.09 -39.81
C LEU A 394 -3.47 -9.32 -40.12
N LEU A 395 -3.15 -10.46 -40.75
CA LEU A 395 -1.77 -10.79 -41.08
C LEU A 395 -1.16 -9.84 -42.09
N LYS A 396 -1.96 -9.36 -43.05
CA LYS A 396 -1.48 -8.33 -43.98
C LYS A 396 -1.10 -7.05 -43.25
N GLY A 397 -2.02 -6.50 -42.46
CA GLY A 397 -1.76 -5.26 -41.76
C GLY A 397 -0.67 -5.36 -40.72
N LEU A 398 -0.50 -6.54 -40.13
CA LEU A 398 0.57 -6.75 -39.16
C LEU A 398 1.94 -6.76 -39.82
N CYS A 399 2.05 -7.41 -40.98
CA CYS A 399 3.30 -7.46 -41.73
C CYS A 399 3.51 -6.26 -42.63
N HIS A 400 2.46 -5.50 -42.94
CA HIS A 400 2.54 -4.33 -43.83
C HIS A 400 1.76 -3.17 -43.24
N PRO A 401 2.24 -2.57 -42.14
CA PRO A 401 1.58 -1.38 -41.60
C PRO A 401 1.64 -0.21 -42.57
N ARG A 402 0.53 0.51 -42.68
CA ARG A 402 0.49 1.77 -43.41
C ARG A 402 0.60 2.89 -42.39
N VAL A 403 1.65 3.69 -42.51
CA VAL A 403 1.91 4.82 -41.63
C VAL A 403 1.69 6.12 -42.43
N LYS A 404 0.93 7.04 -41.85
CA LYS A 404 0.58 8.27 -42.55
C LYS A 404 1.72 9.27 -42.53
N VAL A 405 2.07 9.79 -43.71
CA VAL A 405 3.12 10.79 -43.87
C VAL A 405 2.53 11.86 -44.77
N GLY A 406 1.61 12.65 -44.22
CA GLY A 406 0.92 13.69 -44.96
C GLY A 406 0.00 13.19 -46.06
N ASN A 407 0.28 13.62 -47.29
CA ASN A 407 -0.54 13.27 -48.45
C ASN A 407 -0.42 11.81 -48.85
N GLU A 408 0.65 11.12 -48.48
CA GLU A 408 0.86 9.74 -48.86
C GLU A 408 1.08 8.89 -47.62
N TYR A 409 0.68 7.62 -47.69
CA TYR A 409 1.07 6.62 -46.70
C TYR A 409 2.18 5.77 -47.29
N VAL A 410 3.23 5.52 -46.51
CA VAL A 410 4.33 4.65 -46.91
C VAL A 410 4.19 3.31 -46.18
N THR A 411 4.47 2.23 -46.88
CA THR A 411 4.38 0.87 -46.34
C THR A 411 5.76 0.39 -45.95
N LYS A 412 5.90 -0.13 -44.72
CA LYS A 412 7.18 -0.50 -44.15
C LYS A 412 7.31 -2.02 -44.12
N GLY A 413 8.47 -2.50 -44.56
CA GLY A 413 8.74 -3.93 -44.57
C GLY A 413 9.24 -4.46 -43.24
N GLN A 414 8.38 -5.17 -42.52
CA GLN A 414 8.71 -5.66 -41.18
C GLN A 414 9.58 -6.91 -41.27
N ASN A 415 10.80 -6.82 -40.72
CA ASN A 415 11.61 -8.01 -40.51
C ASN A 415 11.04 -8.85 -39.36
N VAL A 416 11.49 -10.10 -39.32
CA VAL A 416 10.90 -11.14 -38.45
C VAL A 416 10.99 -10.76 -36.97
N GLN A 417 12.06 -10.09 -36.55
CA GLN A 417 12.19 -9.67 -35.15
C GLN A 417 11.19 -8.59 -34.77
N GLN A 418 11.01 -7.59 -35.62
CA GLN A 418 10.16 -6.46 -35.27
C GLN A 418 8.67 -6.76 -35.44
N VAL A 419 8.29 -7.67 -36.34
CA VAL A 419 6.90 -8.12 -36.40
C VAL A 419 6.51 -8.91 -35.15
N ILE A 420 7.44 -9.69 -34.58
CA ILE A 420 7.20 -10.37 -33.31
C ILE A 420 6.95 -9.36 -32.18
N TYR A 421 7.81 -8.34 -32.10
CA TYR A 421 7.58 -7.22 -31.18
C TYR A 421 6.23 -6.55 -31.39
N ALA A 422 5.84 -6.33 -32.64
CA ALA A 422 4.55 -5.71 -32.95
C ALA A 422 3.36 -6.53 -32.44
N THR A 423 3.46 -7.86 -32.45
CA THR A 423 2.42 -8.67 -31.81
C THR A 423 2.43 -8.49 -30.30
N GLY A 424 3.62 -8.43 -29.70
CA GLY A 424 3.73 -8.17 -28.27
C GLY A 424 3.15 -6.83 -27.86
N ALA A 425 3.46 -5.78 -28.63
CA ALA A 425 2.90 -4.45 -28.37
C ALA A 425 1.38 -4.44 -28.44
N LEU A 426 0.81 -5.16 -29.41
CA LEU A 426 -0.65 -5.25 -29.51
C LEU A 426 -1.26 -6.05 -28.37
N ALA A 427 -0.60 -7.14 -27.95
CA ALA A 427 -1.12 -7.97 -26.86
C ALA A 427 -1.16 -7.21 -25.54
N LYS A 428 -0.07 -6.52 -25.21
CA LYS A 428 -0.02 -5.59 -24.07
C LYS A 428 -1.16 -4.59 -24.10
N ALA A 429 -1.37 -3.94 -25.25
CA ALA A 429 -2.31 -2.83 -25.37
C ALA A 429 -3.76 -3.28 -25.24
N VAL A 430 -4.11 -4.44 -25.82
CA VAL A 430 -5.45 -4.99 -25.60
C VAL A 430 -5.69 -5.26 -24.12
N TYR A 431 -4.72 -5.88 -23.45
CA TYR A 431 -4.88 -6.25 -22.04
C TYR A 431 -5.01 -5.03 -21.14
N GLU A 432 -4.14 -4.03 -21.33
CA GLU A 432 -4.19 -2.84 -20.50
C GLU A 432 -5.44 -2.00 -20.74
N ARG A 433 -5.93 -1.96 -21.98
CA ARG A 433 -7.18 -1.24 -22.23
C ARG A 433 -8.40 -2.02 -21.73
N MET A 434 -8.36 -3.35 -21.78
CA MET A 434 -9.43 -4.17 -21.21
C MET A 434 -9.50 -4.06 -19.70
N PHE A 435 -8.35 -4.13 -19.03
CA PHE A 435 -8.27 -3.91 -17.58
C PHE A 435 -8.77 -2.53 -17.18
N ASN A 436 -8.30 -1.48 -17.84
CA ASN A 436 -8.72 -0.12 -17.51
C ASN A 436 -10.19 0.14 -17.84
N TRP A 437 -10.74 -0.55 -18.82
CA TRP A 437 -12.19 -0.48 -19.06
C TRP A 437 -12.98 -1.15 -17.94
N MET A 438 -12.47 -2.27 -17.43
CA MET A 438 -13.15 -3.01 -16.37
C MET A 438 -13.29 -2.19 -15.09
N VAL A 439 -12.25 -1.44 -14.73
CA VAL A 439 -12.35 -0.47 -13.63
C VAL A 439 -13.41 0.59 -13.91
N THR A 440 -13.50 1.05 -15.15
CA THR A 440 -14.56 1.99 -15.50
C THR A 440 -15.93 1.32 -15.50
N ARG A 441 -16.00 0.02 -15.78
CA ARG A 441 -17.26 -0.71 -15.66
C ARG A 441 -17.66 -0.89 -14.19
N ILE A 442 -16.69 -1.23 -13.33
CA ILE A 442 -16.97 -1.38 -11.90
C ILE A 442 -17.47 -0.09 -11.28
N ASN A 443 -16.76 1.02 -11.52
CA ASN A 443 -17.17 2.33 -11.00
C ASN A 443 -18.57 2.75 -11.43
N ALA A 444 -18.99 2.39 -12.65
CA ALA A 444 -20.33 2.73 -13.11
C ALA A 444 -21.42 1.95 -12.37
N THR A 445 -21.14 0.71 -11.95
CA THR A 445 -22.09 -0.01 -11.12
C THR A 445 -22.13 0.51 -9.69
N LEU A 446 -20.99 0.93 -9.15
CA LEU A 446 -20.91 1.38 -7.76
C LEU A 446 -21.45 2.79 -7.52
N GLU A 447 -21.60 3.63 -8.54
CA GLU A 447 -22.10 4.99 -8.35
C GLU A 447 -23.62 4.98 -8.12
N THR A 448 -24.00 4.57 -6.90
CA THR A 448 -25.39 4.31 -6.53
C THR A 448 -26.29 5.54 -6.53
N LYS A 449 -25.71 6.75 -6.63
CA LYS A 449 -26.38 8.06 -6.55
C LYS A 449 -27.03 8.32 -5.20
N GLN A 450 -26.65 7.57 -4.17
CA GLN A 450 -27.02 7.90 -2.79
C GLN A 450 -26.37 9.23 -2.38
N PRO A 451 -26.98 9.96 -1.44
CA PRO A 451 -26.42 11.27 -1.05
C PRO A 451 -25.09 11.14 -0.34
N ARG A 452 -24.28 12.20 -0.47
CA ARG A 452 -22.85 12.11 -0.23
C ARG A 452 -22.32 13.43 0.30
N GLN A 453 -21.33 13.36 1.21
CA GLN A 453 -20.59 14.54 1.65
C GLN A 453 -19.09 14.34 1.83
N TYR A 454 -18.62 13.17 2.27
CA TYR A 454 -17.24 12.96 2.66
C TYR A 454 -16.73 11.68 2.04
N PHE A 455 -15.42 11.49 2.03
CA PHE A 455 -14.88 10.21 1.55
C PHE A 455 -13.77 9.71 2.46
N ILE A 456 -13.55 8.40 2.38
CA ILE A 456 -12.43 7.71 3.01
C ILE A 456 -11.68 6.99 1.90
N GLY A 457 -10.48 7.45 1.59
CA GLY A 457 -9.68 6.82 0.56
C GLY A 457 -8.60 5.89 1.03
N VAL A 458 -8.71 4.59 0.73
CA VAL A 458 -7.75 3.59 1.18
C VAL A 458 -6.77 3.32 0.05
N LEU A 459 -5.49 3.48 0.33
CA LEU A 459 -4.43 3.38 -0.68
C LEU A 459 -3.53 2.19 -0.36
N ASP A 460 -3.38 1.29 -1.33
CA ASP A 460 -2.30 0.30 -1.33
C ASP A 460 -1.55 0.38 -2.68
N ILE A 461 -0.51 1.21 -2.71
CA ILE A 461 0.42 1.20 -3.84
C ILE A 461 1.16 -0.12 -3.87
N ALA A 462 1.57 -0.54 -5.06
CA ALA A 462 2.50 -1.65 -5.22
C ALA A 462 3.74 -1.44 -4.37
N GLY A 463 4.10 -2.44 -3.59
CA GLY A 463 5.16 -2.30 -2.62
C GLY A 463 6.53 -2.17 -3.25
N PHE A 464 7.46 -1.62 -2.48
CA PHE A 464 8.86 -1.50 -2.91
C PHE A 464 9.43 -2.88 -3.28
N GLU A 465 10.17 -2.94 -4.38
CA GLU A 465 10.59 -4.19 -5.00
C GLU A 465 12.08 -4.17 -5.32
N ILE A 466 12.74 -5.31 -5.13
CA ILE A 466 14.08 -5.54 -5.64
C ILE A 466 14.10 -6.93 -6.27
N PHE A 467 13.88 -6.99 -7.58
CA PHE A 467 13.96 -8.30 -8.26
C PHE A 467 15.40 -8.46 -8.70
N ASP A 468 15.67 -9.26 -9.74
CA ASP A 468 17.04 -9.40 -10.28
C ASP A 468 17.00 -9.03 -11.76
N PHE A 469 16.27 -8.00 -12.14
CA PHE A 469 16.21 -7.51 -13.53
C PHE A 469 15.37 -6.26 -13.45
N ASN A 470 15.85 -5.33 -12.66
CA ASN A 470 15.07 -4.14 -12.37
C ASN A 470 14.91 -3.30 -13.63
N SER A 471 13.89 -3.61 -14.42
CA SER A 471 13.63 -2.84 -15.62
C SER A 471 12.76 -1.63 -15.28
N PHE A 472 12.32 -0.90 -16.31
CA PHE A 472 11.55 0.34 -16.16
C PHE A 472 10.30 0.16 -15.32
N GLU A 473 9.67 -1.04 -15.39
CA GLU A 473 8.49 -1.34 -14.59
C GLU A 473 8.76 -1.38 -13.09
N GLN A 474 10.01 -1.37 -12.66
CA GLN A 474 10.35 -1.22 -11.25
C GLN A 474 10.84 0.16 -10.89
N LEU A 475 11.11 1.03 -11.86
CA LEU A 475 11.40 2.40 -11.49
C LEU A 475 10.12 3.12 -11.13
N CYS A 476 9.05 2.86 -11.88
CA CYS A 476 7.75 3.49 -11.64
C CYS A 476 7.15 3.06 -10.30
N ILE A 477 7.34 1.80 -9.94
CA ILE A 477 6.83 1.29 -8.66
C ILE A 477 7.66 1.81 -7.50
N ASN A 478 8.99 1.81 -7.62
CA ASN A 478 9.84 2.35 -6.56
C ASN A 478 9.80 3.86 -6.43
N PHE A 479 9.54 4.59 -7.53
CA PHE A 479 9.33 6.03 -7.41
C PHE A 479 8.04 6.35 -6.65
N THR A 480 6.98 5.57 -6.89
CA THR A 480 5.71 5.76 -6.17
C THR A 480 5.88 5.57 -4.67
N ASN A 481 6.65 4.56 -4.25
CA ASN A 481 6.97 4.38 -2.83
C ASN A 481 7.71 5.59 -2.28
N GLU A 482 8.72 6.07 -3.01
CA GLU A 482 9.55 7.17 -2.53
C GLU A 482 8.78 8.47 -2.39
N LYS A 483 7.76 8.69 -3.23
CA LYS A 483 6.87 9.83 -3.01
C LYS A 483 5.95 9.62 -1.81
N LEU A 484 5.40 8.42 -1.65
CA LEU A 484 4.44 8.19 -0.57
C LEU A 484 5.09 8.17 0.81
N GLN A 485 6.35 7.72 0.94
CA GLN A 485 7.04 7.94 2.20
C GLN A 485 7.37 9.41 2.41
N GLN A 486 7.80 10.12 1.35
CA GLN A 486 8.00 11.56 1.46
C GLN A 486 6.72 12.31 1.82
N PHE A 487 5.55 11.78 1.45
CA PHE A 487 4.30 12.29 1.99
C PHE A 487 4.20 12.08 3.49
N PHE A 488 4.54 10.87 3.95
CA PHE A 488 4.57 10.57 5.38
C PHE A 488 5.57 11.44 6.12
N ASN A 489 6.82 11.48 5.64
CA ASN A 489 7.86 12.34 6.22
C ASN A 489 7.46 13.81 6.22
N HIS A 490 6.78 14.28 5.18
CA HIS A 490 6.30 15.66 5.21
C HIS A 490 5.20 15.85 6.24
N HIS A 491 4.27 14.91 6.32
CA HIS A 491 3.16 15.05 7.27
C HIS A 491 3.61 14.92 8.71
N MET A 492 4.35 13.87 9.05
CA MET A 492 4.69 13.64 10.44
C MET A 492 5.84 14.51 10.95
N PHE A 493 6.80 14.89 10.11
CA PHE A 493 8.01 15.47 10.66
C PHE A 493 8.23 16.93 10.29
N VAL A 494 7.58 17.46 9.28
CA VAL A 494 7.77 18.84 8.85
C VAL A 494 6.53 19.68 9.12
N LEU A 495 5.37 19.24 8.60
CA LEU A 495 4.11 19.95 8.82
C LEU A 495 3.73 19.97 10.31
N GLU A 496 4.01 18.87 11.02
CA GLU A 496 3.86 18.82 12.47
C GLU A 496 4.81 19.76 13.22
N GLN A 497 5.84 20.28 12.56
CA GLN A 497 6.74 21.26 13.16
C GLN A 497 6.58 22.64 12.55
N GLU A 498 5.83 22.78 11.45
CA GLU A 498 5.42 24.09 10.97
C GLU A 498 4.23 24.61 11.75
N GLU A 499 3.33 23.71 12.15
CA GLU A 499 2.15 24.07 12.94
C GLU A 499 2.53 24.66 14.29
N TYR A 500 3.54 24.10 14.95
CA TYR A 500 3.97 24.61 16.25
C TYR A 500 4.47 26.04 16.16
N LYS A 501 5.35 26.33 15.20
CA LYS A 501 5.86 27.69 15.05
C LYS A 501 4.79 28.66 14.56
N LYS A 502 3.90 28.19 13.69
CA LYS A 502 2.78 29.03 13.23
C LYS A 502 1.86 29.42 14.38
N GLU A 503 1.58 28.49 15.30
CA GLU A 503 0.77 28.80 16.47
C GLU A 503 1.59 29.35 17.63
N GLY A 504 2.89 29.54 17.46
CA GLY A 504 3.69 30.24 18.45
C GLY A 504 4.03 29.46 19.68
N ILE A 505 4.01 28.12 19.62
CA ILE A 505 4.42 27.28 20.74
C ILE A 505 5.91 27.55 21.01
N GLU A 506 6.31 27.44 22.28
CA GLU A 506 7.73 27.55 22.63
C GLU A 506 8.45 26.26 22.20
N TRP A 507 8.69 26.14 20.91
CA TRP A 507 9.18 24.91 20.29
C TRP A 507 10.46 25.21 19.52
N THR A 508 11.39 24.26 19.57
CA THR A 508 12.59 24.29 18.76
C THR A 508 12.52 23.18 17.72
N PHE A 509 12.72 23.55 16.45
CA PHE A 509 12.70 22.58 15.36
C PHE A 509 13.72 21.46 15.55
N ILE A 510 13.24 20.23 15.50
CA ILE A 510 14.08 19.04 15.68
C ILE A 510 14.39 18.45 14.31
N ASP A 511 15.66 18.12 14.09
CA ASP A 511 16.09 17.52 12.84
C ASP A 511 16.00 16.00 13.00
N PHE A 512 14.88 15.43 12.54
CA PHE A 512 14.71 13.98 12.58
C PHE A 512 15.55 13.24 11.55
N GLY A 513 16.09 13.93 10.55
CA GLY A 513 16.92 13.28 9.55
C GLY A 513 16.21 12.35 8.60
N MET A 514 14.90 12.47 8.46
CA MET A 514 14.11 11.62 7.56
C MET A 514 13.52 12.49 6.45
N ASP A 515 14.26 12.60 5.35
CA ASP A 515 13.81 13.38 4.20
C ASP A 515 14.44 12.80 2.94
N LEU A 516 13.68 12.86 1.84
CA LEU A 516 14.00 12.13 0.62
C LEU A 516 13.97 12.96 -0.63
N GLN A 517 13.67 14.26 -0.54
CA GLN A 517 13.53 15.14 -1.71
C GLN A 517 14.80 15.21 -2.56
N ALA A 518 15.97 14.92 -1.97
CA ALA A 518 17.20 14.84 -2.75
C ALA A 518 17.19 13.69 -3.75
N CYS A 519 16.41 12.64 -3.50
CA CYS A 519 16.33 11.53 -4.44
C CYS A 519 15.17 11.65 -5.41
N ILE A 520 14.02 12.16 -4.97
CA ILE A 520 12.92 12.47 -5.86
C ILE A 520 13.31 13.53 -6.89
N ASP A 521 14.20 14.46 -6.52
CA ASP A 521 14.74 15.42 -7.49
C ASP A 521 15.56 14.76 -8.59
N LEU A 522 16.11 13.57 -8.33
CA LEU A 522 16.82 12.84 -9.37
C LEU A 522 15.87 12.19 -10.36
N ILE A 523 14.62 11.96 -9.98
CA ILE A 523 13.64 11.29 -10.81
C ILE A 523 12.63 12.26 -11.41
N GLU A 524 12.02 13.10 -10.58
CA GLU A 524 10.83 13.83 -10.99
C GLU A 524 11.15 15.11 -11.77
N LYS A 525 12.24 15.80 -11.43
CA LYS A 525 12.53 17.13 -11.98
C LYS A 525 12.84 17.08 -13.48
N PRO A 526 12.67 18.25 -14.21
CA PRO A 526 12.89 18.24 -15.67
C PRO A 526 14.32 18.12 -16.18
N MET A 527 15.25 17.62 -15.37
CA MET A 527 16.49 17.07 -15.90
C MET A 527 16.83 15.80 -15.14
N GLY A 528 15.85 15.21 -14.47
CA GLY A 528 15.99 13.91 -13.87
C GLY A 528 15.75 12.78 -14.86
N ILE A 529 15.88 11.56 -14.33
CA ILE A 529 15.85 10.32 -15.12
C ILE A 529 14.58 10.22 -15.97
N MET A 530 13.42 10.47 -15.37
CA MET A 530 12.17 10.40 -16.11
C MET A 530 11.92 11.61 -17.01
N SER A 531 12.78 12.61 -16.97
CA SER A 531 12.77 13.66 -17.98
C SER A 531 13.66 13.36 -19.17
N ILE A 532 14.76 12.63 -18.97
CA ILE A 532 15.61 12.23 -20.08
C ILE A 532 14.90 11.22 -20.98
N LEU A 533 14.13 10.29 -20.39
CA LEU A 533 13.25 9.41 -21.18
C LEU A 533 12.18 10.15 -21.96
N GLU A 534 11.90 11.41 -21.62
CA GLU A 534 10.92 12.19 -22.36
C GLU A 534 11.58 13.04 -23.44
N GLU A 535 12.83 13.43 -23.23
CA GLU A 535 13.61 14.09 -24.28
C GLU A 535 14.00 13.10 -25.37
N GLU A 536 14.51 11.93 -25.00
CA GLU A 536 14.99 10.96 -25.98
C GLU A 536 13.88 10.25 -26.78
N CYS A 537 12.60 10.48 -26.47
CA CYS A 537 11.55 10.07 -27.39
C CYS A 537 11.39 11.03 -28.57
N MET A 538 11.92 12.25 -28.46
CA MET A 538 11.83 13.25 -29.51
C MET A 538 12.87 13.05 -30.62
N PHE A 539 13.88 12.21 -30.40
CA PHE A 539 14.96 12.06 -31.36
C PHE A 539 14.87 10.70 -32.04
N PRO A 540 14.71 10.66 -33.36
CA PRO A 540 14.70 9.38 -34.09
C PRO A 540 15.98 8.57 -33.98
N LYS A 541 17.12 9.21 -33.69
CA LYS A 541 18.41 8.55 -33.71
C LYS A 541 18.85 8.16 -32.29
N ALA A 542 17.99 8.39 -31.29
CA ALA A 542 18.29 7.96 -29.94
C ALA A 542 18.28 6.45 -29.80
N THR A 543 19.18 5.94 -28.97
CA THR A 543 19.29 4.51 -28.67
C THR A 543 19.75 4.40 -27.22
N ASP A 544 19.46 3.24 -26.63
CA ASP A 544 19.59 3.08 -25.18
C ASP A 544 21.04 3.19 -24.69
N MET A 545 22.01 2.83 -25.51
CA MET A 545 23.40 3.12 -25.16
C MET A 545 23.68 4.62 -25.17
N THR A 546 23.09 5.36 -26.12
CA THR A 546 23.22 6.81 -26.12
C THR A 546 22.42 7.45 -24.97
N PHE A 547 21.27 6.87 -24.64
CA PHE A 547 20.49 7.33 -23.50
C PHE A 547 21.24 7.13 -22.17
N LYS A 548 21.79 5.93 -21.95
CA LYS A 548 22.58 5.63 -20.77
C LYS A 548 23.76 6.58 -20.58
N ALA A 549 24.44 6.92 -21.68
CA ALA A 549 25.51 7.90 -21.65
C ALA A 549 25.01 9.28 -21.24
N LYS A 550 23.82 9.67 -21.71
CA LYS A 550 23.25 10.96 -21.34
C LYS A 550 22.93 11.05 -19.85
N LEU A 551 22.48 9.96 -19.25
CA LEU A 551 22.31 9.90 -17.79
C LEU A 551 23.61 10.14 -17.03
N PHE A 552 24.64 9.33 -17.33
CA PHE A 552 25.93 9.39 -16.64
C PHE A 552 26.58 10.76 -16.76
N ASP A 553 26.56 11.34 -17.95
CA ASP A 553 27.16 12.65 -18.15
C ASP A 553 26.42 13.73 -17.36
N ASN A 554 25.09 13.64 -17.28
CA ASN A 554 24.32 14.61 -16.51
C ASN A 554 24.38 14.39 -15.00
N HIS A 555 24.43 13.13 -14.53
CA HIS A 555 24.17 12.88 -13.11
C HIS A 555 25.33 12.30 -12.30
N LEU A 556 26.25 11.54 -12.90
CA LEU A 556 27.35 10.96 -12.14
C LEU A 556 28.22 12.05 -11.51
N GLY A 557 28.36 11.98 -10.19
CA GLY A 557 29.00 13.01 -9.40
C GLY A 557 28.22 14.30 -9.24
N LYS A 558 27.11 14.47 -9.95
CA LYS A 558 26.22 15.61 -9.82
C LYS A 558 24.98 15.29 -9.02
N SER A 559 24.88 14.08 -8.48
CA SER A 559 23.93 13.76 -7.43
C SER A 559 24.52 12.64 -6.59
N ALA A 560 24.15 12.62 -5.31
CA ALA A 560 24.63 11.56 -4.43
C ALA A 560 23.90 10.25 -4.68
N ASN A 561 22.60 10.32 -5.00
CA ASN A 561 21.80 9.13 -5.12
C ASN A 561 22.06 8.34 -6.39
N PHE A 562 22.75 8.92 -7.37
CA PHE A 562 23.04 8.23 -8.61
C PHE A 562 24.47 7.71 -8.58
N GLN A 563 24.61 6.39 -8.70
CA GLN A 563 25.90 5.73 -8.55
C GLN A 563 26.13 4.81 -9.73
N LYS A 564 27.37 4.38 -9.88
CA LYS A 564 27.72 3.42 -10.90
C LYS A 564 27.19 2.05 -10.48
N PRO A 565 26.93 1.14 -11.44
CA PRO A 565 26.40 -0.17 -11.05
C PRO A 565 27.43 -1.00 -10.30
N ARG A 566 26.90 -1.85 -9.41
CA ARG A 566 27.65 -2.83 -8.65
C ARG A 566 27.27 -4.23 -9.14
N ASN A 567 27.89 -4.64 -10.25
CA ASN A 567 27.60 -5.96 -10.79
C ASN A 567 28.24 -7.02 -9.92
N ILE A 568 27.41 -7.74 -9.18
CA ILE A 568 27.82 -8.91 -8.41
C ILE A 568 27.92 -10.10 -9.36
N LYS A 569 28.75 -11.08 -9.00
CA LYS A 569 28.89 -12.29 -9.80
C LYS A 569 27.57 -13.06 -9.82
N GLY A 570 27.22 -13.54 -11.02
CA GLY A 570 25.91 -14.20 -11.18
C GLY A 570 24.87 -13.17 -11.61
N LYS A 571 24.48 -12.26 -10.71
CA LYS A 571 23.41 -11.28 -11.01
C LYS A 571 23.56 -10.72 -12.42
N PRO A 572 22.47 -10.61 -13.19
CA PRO A 572 22.54 -10.09 -14.55
C PRO A 572 23.29 -8.75 -14.67
N GLU A 573 23.60 -8.33 -15.90
CA GLU A 573 24.26 -7.04 -16.09
C GLU A 573 23.28 -5.92 -15.78
N ALA A 574 23.74 -4.93 -15.02
CA ALA A 574 22.95 -3.79 -14.63
C ALA A 574 23.73 -2.54 -15.01
N HIS A 575 23.01 -1.48 -15.38
CA HIS A 575 23.66 -0.29 -15.91
C HIS A 575 23.73 0.90 -14.98
N PHE A 576 22.95 0.95 -13.89
CA PHE A 576 23.25 1.89 -12.81
C PHE A 576 22.65 1.36 -11.52
N SER A 577 22.94 2.07 -10.43
CA SER A 577 22.42 1.78 -9.10
C SER A 577 21.84 3.08 -8.54
N LEU A 578 20.64 2.99 -7.99
CA LEU A 578 20.01 4.12 -7.31
C LEU A 578 20.02 3.88 -5.81
N ILE A 579 20.18 4.96 -5.05
CA ILE A 579 20.02 4.86 -3.60
C ILE A 579 18.60 5.26 -3.22
N HIS A 580 17.66 4.35 -3.45
CA HIS A 580 16.30 4.49 -2.93
C HIS A 580 16.31 4.40 -1.42
N TYR A 581 15.21 4.86 -0.82
CA TYR A 581 15.09 4.97 0.64
C TYR A 581 15.29 3.64 1.35
N ALA A 582 14.77 2.55 0.80
CA ALA A 582 14.87 1.24 1.43
C ALA A 582 15.96 0.35 0.87
N GLY A 583 16.78 0.82 -0.06
CA GLY A 583 17.83 -0.05 -0.55
C GLY A 583 18.44 0.43 -1.85
N ILE A 584 19.56 -0.20 -2.19
CA ILE A 584 20.32 0.09 -3.38
C ILE A 584 19.83 -0.82 -4.50
N VAL A 585 19.21 -0.25 -5.54
CA VAL A 585 18.55 -1.03 -6.59
C VAL A 585 19.33 -0.87 -7.88
N ASP A 586 19.72 -2.01 -8.48
CA ASP A 586 20.61 -2.04 -9.66
C ASP A 586 19.84 -2.24 -10.97
N TYR A 587 19.26 -1.14 -11.45
CA TYR A 587 18.46 -1.11 -12.68
C TYR A 587 19.22 -1.55 -13.93
N ASN A 588 18.48 -2.14 -14.88
CA ASN A 588 18.96 -2.55 -16.20
C ASN A 588 18.21 -1.74 -17.25
N ILE A 589 18.96 -1.03 -18.10
CA ILE A 589 18.44 0.08 -18.89
C ILE A 589 18.06 -0.32 -20.32
N ILE A 590 18.34 -1.55 -20.73
CA ILE A 590 18.00 -2.07 -22.05
C ILE A 590 16.53 -1.96 -22.41
N GLY A 591 16.22 -1.19 -23.46
CA GLY A 591 14.90 -1.14 -24.02
C GLY A 591 13.93 -0.13 -23.44
N TRP A 592 14.36 0.74 -22.52
CA TRP A 592 13.41 1.69 -21.91
C TRP A 592 12.83 2.68 -22.91
N LEU A 593 13.59 3.02 -23.97
CA LEU A 593 13.11 3.97 -24.96
C LEU A 593 11.91 3.48 -25.76
N GLN A 594 11.75 2.18 -25.96
CA GLN A 594 10.48 1.74 -26.52
C GLN A 594 9.42 1.59 -25.44
N LYS A 595 9.79 1.13 -24.24
CA LYS A 595 8.82 0.94 -23.16
C LYS A 595 8.19 2.24 -22.68
N ASN A 596 8.85 3.37 -22.88
CA ASN A 596 8.31 4.66 -22.47
C ASN A 596 7.32 5.26 -23.46
N LYS A 597 7.13 4.68 -24.64
CA LYS A 597 6.20 5.27 -25.60
C LYS A 597 5.31 4.22 -26.27
N ASP A 598 5.90 3.04 -26.55
CA ASP A 598 5.32 1.79 -27.02
C ASP A 598 4.28 1.94 -28.13
N PRO A 599 4.68 2.40 -29.32
CA PRO A 599 3.69 2.75 -30.34
C PRO A 599 3.09 1.51 -31.00
N LEU A 600 1.79 1.59 -31.26
CA LEU A 600 1.08 0.47 -31.87
C LEU A 600 1.17 0.55 -33.40
N ASN A 601 0.94 -0.60 -34.04
CA ASN A 601 0.72 -0.67 -35.47
C ASN A 601 -0.64 -0.03 -35.75
N GLU A 602 -0.62 1.15 -36.37
CA GLU A 602 -1.82 1.95 -36.61
C GLU A 602 -2.87 1.24 -37.46
N THR A 603 -2.44 0.38 -38.39
CA THR A 603 -3.39 -0.30 -39.27
C THR A 603 -4.16 -1.39 -38.53
N VAL A 604 -3.45 -2.21 -37.74
CA VAL A 604 -4.09 -3.29 -36.99
C VAL A 604 -5.06 -2.73 -35.94
N VAL A 605 -4.69 -1.60 -35.33
CA VAL A 605 -5.61 -0.89 -34.44
C VAL A 605 -6.86 -0.45 -35.18
N GLY A 606 -6.71 -0.05 -36.44
CA GLY A 606 -7.86 0.22 -37.30
C GLY A 606 -8.74 -0.99 -37.55
N LEU A 607 -8.15 -2.19 -37.52
CA LEU A 607 -8.97 -3.41 -37.57
C LEU A 607 -9.69 -3.66 -36.26
N TYR A 608 -9.02 -3.43 -35.13
CA TYR A 608 -9.67 -3.55 -33.83
C TYR A 608 -10.84 -2.58 -33.69
N GLN A 609 -10.66 -1.36 -34.20
CA GLN A 609 -11.78 -0.42 -34.29
C GLN A 609 -12.89 -0.89 -35.23
N LYS A 610 -12.62 -1.83 -36.14
CA LYS A 610 -13.63 -2.38 -37.03
C LYS A 610 -14.00 -3.81 -36.62
N SER A 611 -13.63 -4.23 -35.42
CA SER A 611 -14.02 -5.54 -34.92
C SER A 611 -15.53 -5.63 -34.73
N SER A 612 -16.06 -6.84 -34.94
CA SER A 612 -17.46 -7.12 -34.61
C SER A 612 -17.70 -7.18 -33.11
N LEU A 613 -16.67 -7.44 -32.32
CA LEU A 613 -16.83 -7.61 -30.87
C LEU A 613 -16.98 -6.24 -30.22
N LYS A 614 -18.17 -6.01 -29.63
CA LYS A 614 -18.53 -4.71 -29.07
C LYS A 614 -17.57 -4.24 -27.99
N LEU A 615 -17.01 -5.16 -27.21
CA LEU A 615 -15.97 -4.81 -26.25
C LEU A 615 -14.73 -4.25 -26.95
N LEU A 616 -14.14 -5.04 -27.86
CA LEU A 616 -12.88 -4.68 -28.51
C LEU A 616 -13.00 -3.40 -29.34
N SER A 617 -14.16 -3.18 -29.98
CA SER A 617 -14.42 -1.90 -30.64
C SER A 617 -14.48 -0.74 -29.65
N THR A 618 -14.97 -0.98 -28.44
CA THR A 618 -14.97 0.06 -27.42
C THR A 618 -13.56 0.33 -26.90
N LEU A 619 -12.76 -0.74 -26.70
CA LEU A 619 -11.43 -0.62 -26.10
C LEU A 619 -10.48 0.27 -26.90
N PHE A 620 -10.60 0.28 -28.22
CA PHE A 620 -9.71 1.09 -29.04
C PHE A 620 -10.42 2.26 -29.72
N ALA A 621 -11.65 2.57 -29.31
CA ALA A 621 -12.31 3.77 -29.81
C ALA A 621 -11.57 5.02 -29.36
N ASN A 622 -11.38 5.95 -30.31
CA ASN A 622 -10.69 7.24 -30.10
C ASN A 622 -9.29 7.07 -29.50
N TYR A 623 -8.61 6.00 -29.91
CA TYR A 623 -7.16 5.89 -29.76
C TYR A 623 -6.45 7.04 -30.49
N PHE A 643 1.89 11.28 -28.16
CA PHE A 643 1.88 12.66 -27.72
C PHE A 643 2.10 12.74 -26.21
N GLN A 644 1.95 11.60 -25.54
CA GLN A 644 1.96 11.55 -24.08
C GLN A 644 2.62 10.24 -23.67
N THR A 645 3.80 10.34 -23.08
CA THR A 645 4.57 9.15 -22.73
C THR A 645 3.95 8.45 -21.52
N VAL A 646 4.38 7.20 -21.33
CA VAL A 646 4.02 6.41 -20.15
C VAL A 646 4.46 7.13 -18.86
N SER A 647 5.66 7.71 -18.87
CA SER A 647 6.14 8.42 -17.69
C SER A 647 5.37 9.72 -17.42
N ALA A 648 5.06 10.48 -18.47
CA ALA A 648 4.32 11.72 -18.31
C ALA A 648 2.92 11.49 -17.72
N LEU A 649 2.20 10.52 -18.28
CA LEU A 649 0.88 10.17 -17.75
C LEU A 649 0.96 9.63 -16.33
N HIS A 650 2.01 8.86 -16.03
CA HIS A 650 2.23 8.38 -14.66
C HIS A 650 2.54 9.52 -13.70
N ARG A 651 3.52 10.36 -14.03
CA ARG A 651 3.97 11.42 -13.12
C ARG A 651 2.89 12.44 -12.85
N GLU A 652 2.11 12.80 -13.87
CA GLU A 652 0.97 13.70 -13.67
C GLU A 652 -0.11 13.07 -12.79
N ASN A 653 -0.44 11.79 -13.03
CA ASN A 653 -1.41 11.11 -12.17
C ASN A 653 -0.93 10.96 -10.74
N LEU A 654 0.36 10.65 -10.54
CA LEU A 654 0.88 10.51 -9.18
C LEU A 654 0.88 11.82 -8.42
N ASN A 655 1.18 12.93 -9.09
CA ASN A 655 1.07 14.24 -8.45
C ASN A 655 -0.38 14.66 -8.26
N LYS A 656 -1.29 14.20 -9.12
CA LYS A 656 -2.72 14.37 -8.86
C LYS A 656 -3.16 13.63 -7.60
N LEU A 657 -2.66 12.41 -7.41
CA LEU A 657 -2.97 11.63 -6.21
C LEU A 657 -2.51 12.33 -4.94
N MET A 658 -1.24 12.72 -4.87
CA MET A 658 -0.72 13.32 -3.66
C MET A 658 -1.01 14.81 -3.54
N THR A 659 -1.65 15.43 -4.53
CA THR A 659 -2.37 16.67 -4.26
C THR A 659 -3.66 16.41 -3.51
N ASN A 660 -4.37 15.34 -3.88
CA ASN A 660 -5.64 15.00 -3.25
C ASN A 660 -5.44 14.58 -1.79
N LEU A 661 -4.45 13.72 -1.53
CA LEU A 661 -4.17 13.25 -0.17
C LEU A 661 -3.81 14.38 0.79
N ARG A 662 -3.16 15.44 0.31
CA ARG A 662 -2.85 16.58 1.17
C ARG A 662 -4.09 17.33 1.63
N SER A 663 -5.22 17.22 0.91
CA SER A 663 -6.49 17.76 1.37
C SER A 663 -7.28 16.79 2.23
N THR A 664 -6.63 15.80 2.85
CA THR A 664 -7.28 14.84 3.72
C THR A 664 -6.42 14.63 4.97
N HIS A 665 -7.05 14.11 6.01
CA HIS A 665 -6.34 13.76 7.23
C HIS A 665 -5.91 12.29 7.17
N PRO A 666 -4.62 11.99 7.02
CA PRO A 666 -4.19 10.62 6.80
C PRO A 666 -4.07 9.78 8.06
N HIS A 667 -4.51 8.53 7.97
CA HIS A 667 -4.20 7.50 8.96
C HIS A 667 -3.23 6.51 8.33
N PHE A 668 -2.00 6.49 8.81
CA PHE A 668 -1.05 5.49 8.30
C PHE A 668 -1.23 4.16 9.01
N VAL A 669 -0.95 3.08 8.30
CA VAL A 669 -0.77 1.74 8.85
C VAL A 669 0.47 1.15 8.21
N ARG A 670 1.58 1.09 8.95
CA ARG A 670 2.80 0.49 8.41
C ARG A 670 2.69 -1.04 8.41
N CYS A 671 3.18 -1.67 7.35
CA CYS A 671 3.21 -3.13 7.24
C CYS A 671 4.65 -3.63 7.17
N ILE A 672 4.96 -4.62 7.98
CA ILE A 672 6.31 -5.16 8.13
C ILE A 672 6.32 -6.61 7.67
N ILE A 673 7.15 -6.93 6.68
CA ILE A 673 7.41 -8.34 6.34
C ILE A 673 8.47 -8.93 7.27
N PRO A 674 8.12 -9.90 8.12
CA PRO A 674 9.07 -10.40 9.10
C PRO A 674 10.02 -11.46 8.58
N ASN A 675 9.71 -12.14 7.47
CA ASN A 675 10.50 -13.29 7.07
C ASN A 675 10.34 -13.48 5.58
N GLU A 676 11.47 -13.54 4.87
CA GLU A 676 11.48 -13.81 3.43
C GLU A 676 11.18 -15.25 3.07
N THR A 677 11.23 -16.17 4.03
CA THR A 677 11.04 -17.59 3.77
C THR A 677 9.56 -17.95 3.63
N LYS A 678 8.66 -17.01 3.94
CA LYS A 678 7.21 -17.16 4.03
C LYS A 678 6.76 -18.18 5.07
N SER A 679 7.64 -18.61 5.96
CA SER A 679 7.16 -19.47 7.04
C SER A 679 6.64 -18.61 8.17
N PRO A 680 5.57 -19.03 8.86
CA PRO A 680 4.97 -18.15 9.87
C PRO A 680 5.74 -18.17 11.19
N GLY A 681 5.64 -17.04 11.89
CA GLY A 681 6.08 -16.95 13.27
C GLY A 681 7.56 -16.75 13.51
N VAL A 682 8.42 -17.31 12.66
CA VAL A 682 9.85 -17.06 12.73
C VAL A 682 10.14 -15.69 12.12
N MET A 683 10.97 -14.90 12.82
CA MET A 683 11.27 -13.53 12.45
C MET A 683 12.78 -13.34 12.37
N ASP A 684 13.25 -12.68 11.32
CA ASP A 684 14.66 -12.35 11.14
C ASP A 684 14.90 -10.93 11.62
N ASN A 685 15.68 -10.80 12.70
CA ASN A 685 15.95 -9.50 13.31
C ASN A 685 16.60 -8.45 12.39
N PRO A 686 17.64 -8.74 11.60
CA PRO A 686 18.17 -7.67 10.72
C PRO A 686 17.19 -7.18 9.65
N LEU A 687 16.39 -8.09 9.11
CA LEU A 687 15.43 -7.74 8.06
C LEU A 687 14.33 -6.81 8.56
N VAL A 688 13.78 -7.07 9.76
CA VAL A 688 12.77 -6.18 10.31
C VAL A 688 13.38 -4.87 10.78
N MET A 689 14.61 -4.90 11.32
CA MET A 689 15.29 -3.67 11.73
C MET A 689 15.57 -2.74 10.55
N HIS A 690 15.91 -3.31 9.38
CA HIS A 690 16.04 -2.52 8.16
C HIS A 690 14.72 -1.86 7.76
N GLN A 691 13.60 -2.55 7.94
CA GLN A 691 12.29 -1.96 7.64
C GLN A 691 11.88 -0.91 8.65
N LEU A 692 12.15 -1.13 9.94
CA LEU A 692 11.82 -0.14 10.97
C LEU A 692 12.58 1.17 10.76
N ARG A 693 13.88 1.08 10.46
CA ARG A 693 14.66 2.28 10.20
C ARG A 693 14.16 3.05 8.97
N CYS A 694 14.04 2.37 7.83
CA CYS A 694 13.73 3.10 6.60
C CYS A 694 12.27 3.52 6.51
N ASN A 695 11.35 2.86 7.20
CA ASN A 695 10.03 3.46 7.37
C ASN A 695 10.01 4.60 8.36
N GLY A 696 11.10 4.85 9.09
CA GLY A 696 11.14 5.92 10.05
C GLY A 696 10.25 5.75 11.25
N VAL A 697 9.97 4.50 11.64
CA VAL A 697 9.02 4.20 12.72
C VAL A 697 9.52 4.76 14.05
N LEU A 698 10.82 4.70 14.28
CA LEU A 698 11.41 5.20 15.52
C LEU A 698 11.27 6.70 15.65
N GLU A 699 11.57 7.45 14.59
CA GLU A 699 11.30 8.89 14.57
C GLU A 699 9.82 9.19 14.69
N GLY A 700 8.97 8.40 14.04
CA GLY A 700 7.53 8.58 14.13
C GLY A 700 6.94 8.44 15.52
N ILE A 701 7.58 7.66 16.38
CA ILE A 701 7.18 7.61 17.78
C ILE A 701 7.76 8.77 18.59
N ARG A 702 9.03 9.13 18.33
CA ARG A 702 9.69 10.22 19.04
C ARG A 702 8.97 11.57 18.88
N ILE A 703 8.45 11.86 17.69
CA ILE A 703 7.68 13.09 17.50
C ILE A 703 6.41 13.09 18.35
N CYS A 704 5.82 11.91 18.61
CA CYS A 704 4.69 11.85 19.52
C CYS A 704 5.09 12.11 20.96
N ARG A 705 6.23 11.58 21.40
CA ARG A 705 6.67 11.82 22.77
C ARG A 705 7.23 13.23 22.94
N LYS A 706 7.96 13.73 21.94
CA LYS A 706 8.49 15.09 22.04
C LYS A 706 7.40 16.14 21.84
N GLY A 707 6.64 16.04 20.76
CA GLY A 707 5.72 17.08 20.37
C GLY A 707 4.39 17.03 21.08
N PHE A 708 3.40 17.64 20.44
CA PHE A 708 2.07 17.83 21.03
C PHE A 708 1.02 17.28 20.05
N PRO A 709 0.82 15.96 20.06
CA PRO A 709 0.08 15.32 18.95
C PRO A 709 -1.41 15.61 18.91
N ASN A 710 -2.02 15.93 20.04
CA ASN A 710 -3.45 16.21 20.11
C ASN A 710 -3.67 17.69 20.34
N ARG A 711 -4.56 18.29 19.55
CA ARG A 711 -4.76 19.73 19.57
C ARG A 711 -6.20 20.01 19.18
N ILE A 712 -6.77 21.04 19.80
CA ILE A 712 -8.21 21.33 19.72
C ILE A 712 -8.41 22.83 19.58
N LEU A 713 -9.36 23.22 18.73
CA LEU A 713 -9.79 24.61 18.62
C LEU A 713 -10.54 25.03 19.89
N TYR A 714 -10.23 26.24 20.38
CA TYR A 714 -10.79 26.75 21.64
C TYR A 714 -12.31 26.79 21.65
N GLY A 715 -12.95 27.02 20.50
CA GLY A 715 -14.40 26.95 20.44
C GLY A 715 -14.95 25.58 20.77
N ASP A 716 -14.35 24.54 20.19
CA ASP A 716 -14.75 23.18 20.54
C ASP A 716 -14.29 22.78 21.95
N PHE A 717 -13.16 23.33 22.41
CA PHE A 717 -12.68 23.05 23.76
C PHE A 717 -13.64 23.55 24.84
N ARG A 718 -14.15 24.78 24.67
CA ARG A 718 -15.24 25.26 25.52
C ARG A 718 -16.48 24.38 25.39
N GLN A 719 -16.84 24.03 24.16
CA GLN A 719 -18.07 23.28 23.89
C GLN A 719 -18.05 21.88 24.51
N ARG A 720 -16.96 21.14 24.31
CA ARG A 720 -16.93 19.76 24.77
C ARG A 720 -16.61 19.63 26.26
N TYR A 721 -15.70 20.44 26.79
CA TYR A 721 -15.11 20.16 28.09
C TYR A 721 -15.55 21.07 29.23
N ARG A 722 -16.43 22.05 29.01
CA ARG A 722 -16.92 22.86 30.12
C ARG A 722 -17.71 22.05 31.15
N ILE A 723 -18.20 20.86 30.76
CA ILE A 723 -18.89 19.94 31.66
C ILE A 723 -18.01 19.56 32.85
N LEU A 724 -16.70 19.40 32.60
CA LEU A 724 -15.70 19.07 33.62
C LEU A 724 -15.76 20.00 34.84
N ASN A 725 -15.82 21.31 34.64
CA ASN A 725 -15.96 22.25 35.76
C ASN A 725 -16.79 23.46 35.31
N PRO A 726 -18.12 23.32 35.23
CA PRO A 726 -19.00 24.44 34.82
C PRO A 726 -18.81 25.73 35.61
N ALA A 727 -18.41 25.64 36.88
CA ALA A 727 -18.22 26.82 37.72
C ALA A 727 -17.01 27.64 37.34
N ALA A 728 -16.06 27.08 36.58
CA ALA A 728 -14.87 27.83 36.20
C ALA A 728 -15.18 28.93 35.21
N ILE A 729 -16.12 28.67 34.30
CA ILE A 729 -16.54 29.64 33.27
C ILE A 729 -18.06 29.53 33.08
N PRO A 730 -18.83 30.36 33.77
CA PRO A 730 -20.30 30.30 33.63
C PRO A 730 -20.81 30.89 32.33
N GLU A 731 -21.25 30.03 31.40
CA GLU A 731 -21.93 30.52 30.21
C GLU A 731 -23.19 31.28 30.57
N GLY A 732 -23.45 32.36 29.82
CA GLY A 732 -24.35 33.40 30.23
C GLY A 732 -23.66 34.58 30.88
N GLN A 733 -22.43 34.38 31.36
CA GLN A 733 -21.51 35.46 31.68
C GLN A 733 -20.39 35.45 30.66
N PHE A 734 -20.17 36.60 30.01
CA PHE A 734 -19.24 36.65 28.88
C PHE A 734 -17.79 36.49 29.32
N ILE A 735 -17.05 35.69 28.56
CA ILE A 735 -15.59 35.62 28.67
C ILE A 735 -15.05 35.29 27.28
N ASP A 736 -13.85 35.80 26.99
CA ASP A 736 -13.10 35.36 25.82
C ASP A 736 -12.84 33.86 25.87
N SER A 737 -13.09 33.19 24.74
CA SER A 737 -12.96 31.73 24.66
C SER A 737 -11.53 31.26 24.91
N ARG A 738 -10.54 32.03 24.45
CA ARG A 738 -9.15 31.78 24.81
C ARG A 738 -8.95 31.95 26.31
N LYS A 739 -9.32 33.12 26.84
CA LYS A 739 -9.23 33.40 28.28
C LYS A 739 -10.07 32.45 29.12
N GLY A 740 -11.20 31.99 28.58
CA GLY A 740 -12.01 30.99 29.26
C GLY A 740 -11.31 29.65 29.43
N ALA A 741 -10.70 29.15 28.36
CA ALA A 741 -9.90 27.93 28.43
C ALA A 741 -8.72 28.06 29.38
N GLU A 742 -8.07 29.23 29.39
CA GLU A 742 -6.92 29.45 30.28
C GLU A 742 -7.30 29.38 31.75
N LYS A 743 -8.47 29.90 32.11
CA LYS A 743 -9.00 29.70 33.46
C LYS A 743 -9.34 28.24 33.72
N LEU A 744 -10.02 27.58 32.78
CA LEU A 744 -10.65 26.28 33.01
C LEU A 744 -9.65 25.20 33.38
N LEU A 745 -8.63 24.99 32.54
CA LEU A 745 -7.64 23.94 32.75
C LEU A 745 -6.87 24.09 34.05
N SER A 746 -6.59 25.33 34.47
CA SER A 746 -5.96 25.58 35.76
C SER A 746 -6.76 25.01 36.94
N SER A 747 -8.08 24.98 36.83
CA SER A 747 -8.93 24.46 37.89
C SER A 747 -9.10 22.94 37.84
N LEU A 748 -8.63 22.26 36.79
CA LEU A 748 -8.89 20.85 36.62
C LEU A 748 -7.84 19.94 37.27
N ASP A 749 -7.03 20.45 38.20
CA ASP A 749 -5.98 19.74 38.98
C ASP A 749 -5.15 18.76 38.15
N ILE A 750 -4.73 19.22 36.98
CA ILE A 750 -3.93 18.44 36.04
C ILE A 750 -2.64 19.21 35.78
N ASP A 751 -1.60 18.47 35.37
CA ASP A 751 -0.26 19.01 35.27
C ASP A 751 -0.18 20.00 34.11
N HIS A 752 -0.03 21.28 34.45
CA HIS A 752 0.08 22.41 33.54
C HIS A 752 1.32 22.39 32.64
N ASN A 753 2.23 21.44 32.81
CA ASN A 753 3.32 21.27 31.87
C ASN A 753 2.91 20.43 30.67
N GLN A 754 1.80 19.71 30.76
CA GLN A 754 1.37 18.79 29.71
C GLN A 754 0.57 19.46 28.62
N TYR A 755 0.20 20.73 28.77
CA TYR A 755 -0.56 21.40 27.73
C TYR A 755 0.07 22.77 27.44
N LYS A 756 -0.22 23.28 26.24
CA LYS A 756 0.26 24.59 25.83
C LYS A 756 -0.83 25.35 25.11
N PHE A 757 -0.79 26.67 25.24
CA PHE A 757 -1.72 27.57 24.57
C PHE A 757 -1.07 28.19 23.34
N GLY A 758 -1.63 27.90 22.16
CA GLY A 758 -1.27 28.57 20.95
C GLY A 758 -2.20 29.74 20.67
N HIS A 759 -1.94 30.42 19.54
CA HIS A 759 -2.78 31.55 19.15
C HIS A 759 -4.21 31.12 18.85
N THR A 760 -4.37 30.06 18.05
CA THR A 760 -5.69 29.63 17.63
C THR A 760 -6.18 28.36 18.33
N LYS A 761 -5.28 27.56 18.89
CA LYS A 761 -5.59 26.21 19.35
C LYS A 761 -4.90 25.99 20.68
N VAL A 762 -5.46 25.12 21.48
CA VAL A 762 -4.75 24.54 22.61
C VAL A 762 -4.06 23.26 22.14
N PHE A 763 -2.87 22.99 22.68
CA PHE A 763 -2.05 21.84 22.30
C PHE A 763 -1.80 20.97 23.51
N PHE A 764 -1.90 19.66 23.33
CA PHE A 764 -1.79 18.70 24.44
C PHE A 764 -0.67 17.70 24.18
N LYS A 765 0.01 17.32 25.25
CA LYS A 765 0.90 16.15 25.23
C LYS A 765 0.11 14.86 25.01
N ALA A 766 0.89 13.78 24.81
CA ALA A 766 0.40 12.51 24.30
C ALA A 766 -0.76 11.93 25.10
N GLY A 767 -0.61 11.87 26.41
CA GLY A 767 -1.60 11.19 27.23
C GLY A 767 -2.73 12.06 27.74
N LEU A 768 -2.55 13.38 27.69
CA LEU A 768 -3.45 14.28 28.41
C LEU A 768 -4.85 14.33 27.81
N LEU A 769 -4.97 14.17 26.48
CA LEU A 769 -6.30 14.10 25.86
C LEU A 769 -7.09 12.91 26.39
N GLY A 770 -6.43 11.77 26.60
CA GLY A 770 -7.08 10.64 27.24
C GLY A 770 -7.53 10.94 28.66
N LEU A 771 -6.68 11.65 29.43
CA LEU A 771 -7.02 12.04 30.79
C LEU A 771 -8.26 12.91 30.85
N LEU A 772 -8.41 13.85 29.92
CA LEU A 772 -9.63 14.66 29.86
C LEU A 772 -10.85 13.82 29.51
N GLU A 773 -10.72 12.91 28.54
CA GLU A 773 -11.83 12.04 28.15
C GLU A 773 -12.28 11.14 29.29
N GLU A 774 -11.32 10.56 30.02
CA GLU A 774 -11.65 9.73 31.19
C GLU A 774 -12.33 10.55 32.28
N MET A 775 -11.83 11.76 32.55
CA MET A 775 -12.48 12.63 33.52
C MET A 775 -13.86 13.09 33.04
N ARG A 776 -14.04 13.27 31.73
CA ARG A 776 -15.33 13.67 31.19
C ARG A 776 -16.41 12.61 31.35
N ASP A 777 -16.11 11.35 30.99
CA ASP A 777 -17.09 10.28 31.14
C ASP A 777 -17.40 9.97 32.61
N GLU A 778 -16.41 10.09 33.49
CA GLU A 778 -16.61 9.86 34.92
C GLU A 778 -17.59 10.87 35.53
N ARG A 779 -17.41 12.15 35.24
CA ARG A 779 -18.32 13.18 35.76
C ARG A 779 -19.74 13.04 35.21
N LEU A 780 -19.87 12.78 33.90
CA LEU A 780 -21.18 12.59 33.30
C LEU A 780 -21.93 11.41 33.91
N SER A 781 -21.23 10.29 34.14
CA SER A 781 -21.81 9.12 34.79
C SER A 781 -22.33 9.44 36.19
N ARG A 782 -21.56 10.22 36.96
CA ARG A 782 -22.01 10.69 38.27
C ARG A 782 -23.28 11.53 38.18
N ILE A 783 -23.34 12.44 37.19
CA ILE A 783 -24.53 13.25 36.94
C ILE A 783 -25.75 12.37 36.68
N ILE A 784 -25.59 11.34 35.85
CA ILE A 784 -26.66 10.39 35.53
C ILE A 784 -27.21 9.71 36.78
N THR A 785 -26.31 9.31 37.69
CA THR A 785 -26.75 8.76 38.97
C THR A 785 -27.49 9.80 39.82
N ARG A 786 -27.07 11.06 39.75
CA ARG A 786 -27.81 12.13 40.41
C ARG A 786 -29.19 12.35 39.80
N ILE A 787 -29.30 12.18 38.48
CA ILE A 787 -30.60 12.30 37.81
C ILE A 787 -31.56 11.21 38.30
N GLN A 788 -31.07 9.99 38.46
CA GLN A 788 -31.87 8.91 39.04
C GLN A 788 -32.25 9.22 40.49
N ALA A 789 -31.28 9.68 41.29
CA ALA A 789 -31.53 9.97 42.71
C ALA A 789 -32.54 11.09 42.93
N GLN A 790 -32.47 12.17 42.12
CA GLN A 790 -33.46 13.23 42.24
C GLN A 790 -34.86 12.75 41.85
N SER A 791 -34.95 11.87 40.85
CA SER A 791 -36.23 11.28 40.48
C SER A 791 -36.86 10.50 41.63
N ARG A 792 -36.06 9.70 42.33
CA ARG A 792 -36.53 9.06 43.56
C ARG A 792 -36.86 10.09 44.64
N GLY A 793 -36.13 11.21 44.66
CA GLY A 793 -36.41 12.24 45.64
C GLY A 793 -37.70 13.01 45.41
N VAL A 794 -38.03 13.30 44.15
CA VAL A 794 -39.27 14.03 43.88
C VAL A 794 -40.50 13.13 44.08
N LEU A 795 -40.38 11.82 43.83
CA LEU A 795 -41.48 10.89 44.01
C LEU A 795 -41.91 10.77 45.47
#